data_6KZO
#
_entry.id   6KZO
#
_cell.length_a   1.00
_cell.length_b   1.00
_cell.length_c   1.00
_cell.angle_alpha   90.00
_cell.angle_beta   90.00
_cell.angle_gamma   90.00
#
_symmetry.space_group_name_H-M   'P 1'
#
loop_
_entity.id
_entity.type
_entity.pdbx_description
1 polymer 'Voltage-dependent T-type calcium channel subunit alpha-1G'
2 non-polymer 'CALCIUM ION'
3 non-polymer 2-acetamido-2-deoxy-beta-D-glucopyranose
4 non-polymer 1,2-Distearoyl-sn-glycerophosphoethanolamine
5 non-polymer 'CHOLESTEROL HEMISUCCINATE'
#
_entity_poly.entity_id   1
_entity_poly.type   'polypeptide(L)'
_entity_poly.pdbx_seq_one_letter_code
;MDEEEDGAGAEESGQPRSFMRLNDLSGAGGRPGPGSAEKDPGSADSEAEGLPYPALAPVVFFYLSQDSRPRSWCLRTVCN
PWFERISMLVILLNCVTLGMFRPCEDIACDSQRCRILQAFDDFIFAFFAVEMVVKMVALGIFGKKCYLGDTWNRLDFFIV
IAGMLEYSLDLQNVSFSAVRTVRVLRPLRAINRVPSMRILVTLLLDTLPMLGNVLLLCFFVFFIFGIVGVQLWAGLLRNR
CFLPENFSLPLSVDLERYYQTENEDESPFICSQPRENGMRSCRSVPTLRGDGGGGPPCGLDYEAYNSSSNTTCVNWNQYY
TNCSAGEHNPFKGAINFDNIGYAWIAIFQVITLEGWVDIMYFVMDAHSFYNFIYFILLIIVGSFFMINLCLVVIATQFSE
TKQRESQLMREQRVRFLSNASTLASFSEPGSCYEELLKYLVYILRKAARRLAQVSRAAGVRVGLLSSPAPLGGQETQPSS
SCSRSHRRLSVHHLVHHHHHHHHHYHLGNGTLRAPRASPEIQDRDANGSRRLMLPPPSTPALSGAPPGGAESVHSFYHAD
CHLEPVRCQAPPPRSPSEASGRTVGSGKVYPTVHTSPPPETLKEKALVEVAASSGPPTLTSLNIPPGPYSSMHKLLETQS
TGACQSSCKISSPCLKADSGACGPDSCPYCARAGAGEVELADREMPDSDSEAVYEFTQDAQHSDLRDPHSRRQRSLGPDA
EPSSVLAFWRLICDTFRKIVDSKYFGRGIMIAILVNTLSMGIEYHEQPEELTNALEISNIVFTSLFALEMLLKLLVYGPF
GYIKNPYNIFDGVIVVISVWEIVGQQGGGLSVLRTFRLMRVLKLVRFLPALQRQLVVLMKTMDNVATFCMLLMLFIFIFS
ILGMHLFGCKFASERDGDTLPDRKNFDSLLWAIVTVFQILTQEDWNKVLYNGMASTSSWAALYFIALMTFGNYVLFNLLV
AILVEGFQAEGDANKSESEPDFFSPSLDGDGDRKKCLALVSLGEHPELRKSLLPPLIIHTAATPMSLPKSTSTGLGEALG
PASRRTSSSGSAEPGAAHEMKSPPSARSSPHSPWSAASSWTSRRSSRNSLGRAPSLKRRSPSGERRSLLSGEGQESQDEE
ESSEEERASPAGSDHRHRGSLEREAKSSFDLPDTLQVPGLHRTASGRGSASEHQDCNGKSASGRLARALRPDDPPLDGDD
ADDEGNLSKGERVRAWIRARLPACCLERDSWSAYIFPPQSRFRLLCHRIITHKMFDHVVLVIIFLNCITIAMERPKIDPH
SAERIFLTLSNYIFTAVFLAEMTVKVVALGWCFGEQAYLRSSWNVLDGLLVLISVIDILVSMVSDSGTKILGMLRVLRLL
RTLRPLRVISRAQGLKLVVETLMSSLKPIGNIVVICCAFFIIFGILGVQLFKGKFFVCQGEDTRNITNKSDCAEASYRWV
RHKYNFDNLGQALMSLFVLASKDGWVDIMYDGLDAVGVDQQPIMNHNPWMLLYFISFLLIVAFFVLNMFVGVVVENFHKC
RQHQEEEEARRREEKRLRRLEKKRRNLMLDDVIASGSSASAASEAQCKPYYSDYSRFRLLVHHLCTSHYLDLFITGVIGL
NVVTMAMEHYQQPQILDEALKICNYIFTVIFVLESVFKLVAFGFRRFFQDRWNQLDLAIVLLSIMGITLEEIEVNASLPI
NPTIIRIMRVLRIARVLKLLKMAVGMRALLDTVMQALPQVGNLGLLFMLLFFIFAALGVELFGDLECDETHPCEGLGRHA
TFRNFGMAFLTLFRVSTGDNWNGIMKDTLRDCDQESTCYNTVISPIYFVSFVLTAQFVLVNVVIAVLMKHLEESNKEAKE
EAELEAELELEMKTLSPQPHSPLGSPFLWPGVEGPDSPDSPKPGALHPAAHARSASHFSLEHPTMQPHPTELPGPDLLTV
RKSGVSRTHSLPNDSYMCRHGSTAEGPLGHRGWGLPKAQSGSVLSVHSQPADTSYILQLPKDAPHLLQPHSAPTWGTIPK
LPPPGRSPLAQRPLRRQAAIRTDSLDVQGLGSREDLLAEVSGPSPPLARAYSFWGQSSTQAQQHSRSHSKISKHMTPPAP
CPGPEPNWGKGPPETRSSLELDTELSWISGDLLPPGGQEEPPSPRDLKKCYSVEAQSCQRRPTSWLDEQRRHSIAVSCLD
SGSQPHLGTDPSNLGGQPLGGPGSRPKKKLSPPSITIDPPESQGPRTPPSPGICLRRRAPSSDSKDPLASGPPDSMAASP
SPKKDVLSLSGLSSDPADLDP
;
_entity_poly.pdbx_strand_id   A
#
loop_
_chem_comp.id
_chem_comp.type
_chem_comp.name
_chem_comp.formula
3PE non-polymer 1,2-Distearoyl-sn-glycerophosphoethanolamine 'C41 H82 N O8 P'
CA non-polymer 'CALCIUM ION' 'Ca 2'
NAG D-saccharide, beta linking 2-acetamido-2-deoxy-beta-D-glucopyranose 'C8 H15 N O6'
Y01 non-polymer 'CHOLESTEROL HEMISUCCINATE' 'C31 H50 O4'
#
# COMPACT_ATOMS: atom_id res chain seq x y z
N ASN A 80 -27.03 0.81 -39.79
CA ASN A 80 -26.21 1.45 -40.80
C ASN A 80 -24.81 1.65 -40.23
N PRO A 81 -23.80 1.86 -41.11
CA PRO A 81 -22.52 2.38 -40.62
C PRO A 81 -22.64 3.79 -40.09
N TRP A 82 -23.61 4.55 -40.57
CA TRP A 82 -23.80 5.95 -40.18
C TRP A 82 -24.86 6.11 -39.09
N PHE A 83 -25.62 5.06 -38.82
CA PHE A 83 -26.44 5.00 -37.62
C PHE A 83 -25.59 4.77 -36.38
N GLU A 84 -24.36 4.28 -36.56
CA GLU A 84 -23.45 4.07 -35.45
C GLU A 84 -22.93 5.39 -34.89
N ARG A 85 -22.78 6.40 -35.73
CA ARG A 85 -22.20 7.65 -35.27
C ARG A 85 -23.21 8.68 -34.79
N ILE A 86 -24.50 8.52 -35.11
CA ILE A 86 -25.51 9.42 -34.55
C ILE A 86 -25.65 9.16 -33.05
N SER A 87 -25.57 7.89 -32.65
CA SER A 87 -25.65 7.51 -31.26
C SER A 87 -24.41 7.97 -30.48
N MET A 88 -23.23 7.69 -31.01
CA MET A 88 -22.01 8.04 -30.30
C MET A 88 -21.69 9.52 -30.28
N LEU A 89 -22.40 10.28 -31.10
CA LEU A 89 -22.38 11.74 -31.03
C LEU A 89 -23.18 12.30 -29.82
N VAL A 90 -24.35 11.70 -29.53
CA VAL A 90 -25.23 12.17 -28.48
C VAL A 90 -24.98 11.44 -27.17
N ILE A 91 -24.27 10.31 -27.18
CA ILE A 91 -23.76 9.77 -25.93
C ILE A 91 -22.59 10.60 -25.43
N LEU A 92 -21.65 10.91 -26.32
CA LEU A 92 -20.53 11.78 -25.96
C LEU A 92 -20.96 13.24 -25.78
N LEU A 93 -22.11 13.64 -26.30
CA LEU A 93 -22.63 14.95 -25.98
C LEU A 93 -23.18 14.97 -24.57
N ASN A 94 -23.62 13.81 -24.12
CA ASN A 94 -24.14 13.64 -22.78
C ASN A 94 -23.08 13.83 -21.69
N CYS A 95 -21.86 13.37 -21.97
CA CYS A 95 -20.78 13.41 -20.99
C CYS A 95 -20.34 14.84 -20.71
N VAL A 96 -20.34 15.69 -21.73
CA VAL A 96 -19.97 17.09 -21.55
C VAL A 96 -21.04 17.82 -20.76
N THR A 97 -22.30 17.40 -20.89
CA THR A 97 -23.35 17.96 -20.07
C THR A 97 -23.31 17.40 -18.66
N LEU A 98 -22.62 16.27 -18.47
CA LEU A 98 -22.37 15.79 -17.11
C LEU A 98 -21.05 16.32 -16.57
N GLY A 99 -20.11 16.60 -17.48
CA GLY A 99 -18.80 17.07 -17.07
C GLY A 99 -18.90 18.38 -16.30
N MET A 100 -19.77 19.27 -16.73
CA MET A 100 -19.92 20.53 -16.02
C MET A 100 -21.09 20.37 -15.07
N PHE A 101 -20.78 20.26 -13.78
CA PHE A 101 -21.82 20.10 -12.77
C PHE A 101 -21.98 21.31 -11.85
N ARG A 102 -20.85 21.87 -11.39
CA ARG A 102 -20.87 23.02 -10.49
C ARG A 102 -21.79 22.78 -9.30
N PRO A 103 -21.51 21.73 -8.53
CA PRO A 103 -22.37 21.34 -7.42
C PRO A 103 -22.58 22.44 -6.38
N CYS A 104 -21.56 23.19 -5.99
CA CYS A 104 -21.81 24.23 -4.99
C CYS A 104 -22.97 25.17 -5.30
N GLU A 105 -23.08 25.51 -6.58
CA GLU A 105 -24.11 26.38 -7.12
C GLU A 105 -25.40 25.60 -7.40
N ASP A 106 -26.04 25.17 -6.30
CA ASP A 106 -27.28 24.39 -6.31
C ASP A 106 -28.54 25.21 -6.51
N ILE A 107 -29.62 24.48 -6.81
CA ILE A 107 -31.00 24.96 -7.02
C ILE A 107 -31.27 25.70 -8.33
N ALA A 108 -30.32 25.62 -9.25
CA ALA A 108 -30.40 26.19 -10.61
C ALA A 108 -30.39 27.71 -10.72
N CYS A 109 -30.51 28.18 -11.97
CA CYS A 109 -30.55 29.60 -12.34
C CYS A 109 -29.31 30.41 -11.96
N ASP A 110 -28.16 29.73 -11.86
CA ASP A 110 -26.91 30.38 -11.53
C ASP A 110 -26.46 31.30 -12.64
N SER A 111 -26.59 30.82 -13.87
CA SER A 111 -26.17 31.58 -15.04
C SER A 111 -26.89 31.10 -16.31
N GLN A 112 -26.68 31.84 -17.40
CA GLN A 112 -27.26 31.50 -18.70
C GLN A 112 -26.73 30.14 -19.15
N ARG A 113 -25.47 29.87 -18.85
CA ARG A 113 -24.84 28.60 -19.20
C ARG A 113 -25.51 27.42 -18.51
N CYS A 114 -25.92 27.60 -17.27
CA CYS A 114 -26.59 26.52 -16.56
C CYS A 114 -27.91 26.17 -17.26
N ARG A 115 -28.64 27.20 -17.68
CA ARG A 115 -29.89 27.01 -18.41
C ARG A 115 -29.63 26.32 -19.74
N ILE A 116 -28.53 26.68 -20.41
CA ILE A 116 -28.17 26.07 -21.66
C ILE A 116 -27.89 24.58 -21.46
N LEU A 117 -27.21 24.25 -20.36
CA LEU A 117 -26.92 22.86 -20.04
C LEU A 117 -28.21 22.10 -19.80
N GLN A 118 -29.15 22.74 -19.10
CA GLN A 118 -30.44 22.12 -18.84
C GLN A 118 -31.18 21.86 -20.15
N ALA A 119 -31.11 22.81 -21.07
CA ALA A 119 -31.75 22.71 -22.37
C ALA A 119 -31.15 21.55 -23.17
N PHE A 120 -29.83 21.39 -23.07
CA PHE A 120 -29.15 20.33 -23.79
C PHE A 120 -29.68 18.97 -23.37
N ASP A 121 -29.99 18.85 -22.08
CA ASP A 121 -30.45 17.60 -21.51
C ASP A 121 -31.73 17.10 -22.14
N ASP A 122 -32.68 18.02 -22.34
CA ASP A 122 -33.97 17.65 -22.90
C ASP A 122 -33.82 17.08 -24.29
N PHE A 123 -32.94 17.66 -25.09
CA PHE A 123 -32.74 17.16 -26.43
C PHE A 123 -32.20 15.74 -26.38
N ILE A 124 -31.22 15.49 -25.53
CA ILE A 124 -30.64 14.17 -25.46
C ILE A 124 -31.64 13.13 -25.00
N PHE A 125 -32.41 13.48 -23.97
CA PHE A 125 -33.41 12.55 -23.44
C PHE A 125 -34.46 12.27 -24.49
N ALA A 126 -34.87 13.31 -25.21
CA ALA A 126 -35.89 13.12 -26.24
C ALA A 126 -35.37 12.20 -27.32
N PHE A 127 -34.12 12.40 -27.71
CA PHE A 127 -33.52 11.58 -28.77
C PHE A 127 -33.39 10.11 -28.43
N PHE A 128 -33.03 9.82 -27.19
CA PHE A 128 -32.81 8.43 -26.80
C PHE A 128 -34.14 7.67 -26.77
N ALA A 129 -35.19 8.32 -26.26
CA ALA A 129 -36.48 7.69 -26.23
C ALA A 129 -36.94 7.39 -27.65
N VAL A 130 -36.75 8.35 -28.57
CA VAL A 130 -37.15 8.11 -29.95
C VAL A 130 -36.37 6.95 -30.57
N GLU A 131 -35.08 6.90 -30.28
CA GLU A 131 -34.22 5.83 -30.81
C GLU A 131 -34.69 4.47 -30.30
N MET A 132 -35.07 4.42 -29.03
CA MET A 132 -35.55 3.18 -28.42
C MET A 132 -36.85 2.77 -29.08
N VAL A 133 -37.72 3.73 -29.37
CA VAL A 133 -38.97 3.43 -30.05
C VAL A 133 -38.71 2.86 -31.44
N VAL A 134 -37.69 3.35 -32.16
CA VAL A 134 -37.43 2.78 -33.49
C VAL A 134 -37.08 1.29 -33.35
N LYS A 135 -36.26 0.99 -32.34
CA LYS A 135 -35.86 -0.35 -31.97
C LYS A 135 -37.01 -1.11 -31.32
N MET A 136 -38.06 -0.42 -30.88
CA MET A 136 -39.26 -1.14 -30.43
C MET A 136 -40.15 -1.48 -31.62
N VAL A 137 -39.92 -0.83 -32.76
CA VAL A 137 -40.49 -1.32 -34.01
C VAL A 137 -39.91 -2.69 -34.35
N ALA A 138 -38.60 -2.84 -34.22
CA ALA A 138 -38.01 -4.17 -34.31
C ALA A 138 -38.06 -4.87 -32.95
N GLY A 149 -26.85 -6.93 -28.82
CA GLY A 149 -26.95 -7.81 -27.67
C GLY A 149 -28.27 -7.67 -26.96
N ASP A 150 -28.96 -8.79 -26.75
CA ASP A 150 -30.26 -8.77 -26.07
C ASP A 150 -30.13 -8.25 -24.65
N THR A 151 -29.07 -8.66 -23.94
CA THR A 151 -28.87 -8.21 -22.58
C THR A 151 -28.68 -6.70 -22.56
N TRP A 152 -27.85 -6.23 -23.48
CA TRP A 152 -27.54 -4.80 -23.58
C TRP A 152 -28.74 -3.93 -23.90
N ASN A 153 -29.62 -4.44 -24.75
CA ASN A 153 -30.84 -3.73 -25.13
C ASN A 153 -31.74 -3.47 -23.93
N ARG A 154 -31.81 -4.43 -23.02
CA ARG A 154 -32.61 -4.31 -21.80
C ARG A 154 -32.12 -3.14 -20.95
N LEU A 155 -30.81 -2.99 -20.86
CA LEU A 155 -30.20 -1.91 -20.07
C LEU A 155 -30.56 -0.52 -20.58
N ASP A 156 -30.60 -0.35 -21.89
CA ASP A 156 -30.94 0.94 -22.49
C ASP A 156 -32.35 1.34 -22.09
N PHE A 157 -33.27 0.39 -22.11
CA PHE A 157 -34.66 0.63 -21.73
C PHE A 157 -34.74 1.05 -20.28
N PHE A 158 -33.95 0.41 -19.42
CA PHE A 158 -33.94 0.70 -18.00
C PHE A 158 -33.50 2.13 -17.68
N ILE A 159 -32.50 2.63 -18.39
CA ILE A 159 -32.03 3.98 -18.15
C ILE A 159 -33.06 4.98 -18.66
N VAL A 160 -33.69 4.65 -19.77
CA VAL A 160 -34.71 5.53 -20.35
C VAL A 160 -35.93 5.69 -19.44
N ILE A 161 -36.37 4.60 -18.83
CA ILE A 161 -37.52 4.66 -17.94
C ILE A 161 -37.23 5.54 -16.74
N ALA A 162 -36.01 5.42 -16.21
CA ALA A 162 -35.61 6.22 -15.05
C ALA A 162 -35.62 7.70 -15.40
N GLY A 163 -35.15 8.03 -16.61
CA GLY A 163 -35.13 9.40 -17.06
C GLY A 163 -36.52 10.00 -17.12
N MET A 164 -37.48 9.24 -17.64
CA MET A 164 -38.84 9.74 -17.72
C MET A 164 -39.41 9.99 -16.34
N LEU A 165 -39.15 9.07 -15.42
CA LEU A 165 -39.61 9.20 -14.04
C LEU A 165 -38.97 10.40 -13.36
N GLU A 166 -37.70 10.62 -13.65
CA GLU A 166 -36.94 11.71 -13.06
C GLU A 166 -37.54 13.05 -13.41
N TYR A 167 -37.98 13.21 -14.65
CA TYR A 167 -38.57 14.47 -15.07
C TYR A 167 -39.85 14.77 -14.29
N SER A 168 -40.65 13.73 -14.05
CA SER A 168 -41.90 13.85 -13.32
C SER A 168 -41.73 14.60 -12.00
N SER A 177 -33.55 14.23 -3.53
CA SER A 177 -32.60 14.41 -4.61
C SER A 177 -31.98 13.09 -5.06
N ALA A 178 -32.59 11.98 -4.64
CA ALA A 178 -32.10 10.65 -5.00
C ALA A 178 -32.17 10.40 -6.50
N VAL A 179 -33.24 10.86 -7.13
CA VAL A 179 -33.44 10.66 -8.55
C VAL A 179 -32.37 11.32 -9.42
N ARG A 180 -31.93 12.50 -9.01
CA ARG A 180 -30.94 13.27 -9.75
C ARG A 180 -29.61 12.56 -9.92
N THR A 181 -29.13 11.91 -8.86
CA THR A 181 -27.86 11.20 -8.94
C THR A 181 -27.96 10.07 -9.96
N VAL A 182 -29.17 9.61 -10.21
CA VAL A 182 -29.37 8.49 -11.10
C VAL A 182 -28.85 8.76 -12.49
N ARG A 183 -28.82 10.02 -12.88
CA ARG A 183 -28.44 10.38 -14.22
C ARG A 183 -27.12 9.78 -14.66
N VAL A 184 -26.16 9.70 -13.76
CA VAL A 184 -24.83 9.27 -14.14
C VAL A 184 -24.87 8.00 -14.97
N LEU A 185 -25.81 7.10 -14.74
CA LEU A 185 -25.77 5.84 -15.46
C LEU A 185 -25.83 6.06 -16.95
N ARG A 186 -26.27 7.24 -17.35
CA ARG A 186 -26.50 7.55 -18.76
C ARG A 186 -25.32 7.19 -19.64
N PRO A 187 -24.11 7.38 -19.10
CA PRO A 187 -22.85 7.11 -19.80
C PRO A 187 -22.62 5.65 -20.16
N LEU A 188 -23.27 4.74 -19.45
CA LEU A 188 -23.13 3.29 -19.67
C LEU A 188 -23.73 2.74 -20.97
N ARG A 189 -24.55 3.53 -21.65
CA ARG A 189 -25.20 3.13 -22.88
C ARG A 189 -24.22 2.74 -24.00
N ALA A 190 -23.07 3.40 -23.92
CA ALA A 190 -21.93 3.35 -24.81
C ALA A 190 -21.20 2.02 -24.88
N ILE A 191 -21.31 1.19 -23.84
CA ILE A 191 -20.61 -0.09 -23.88
C ILE A 191 -21.09 -0.93 -25.05
N ASN A 192 -22.39 -0.97 -25.32
CA ASN A 192 -22.89 -1.71 -26.48
C ASN A 192 -22.39 -1.10 -27.79
N ARG A 193 -22.32 0.23 -27.83
CA ARG A 193 -21.88 0.95 -29.03
C ARG A 193 -20.46 0.65 -29.49
N VAL A 194 -19.54 0.50 -28.55
CA VAL A 194 -18.16 0.19 -28.94
C VAL A 194 -17.95 -1.30 -28.83
N PRO A 195 -17.60 -1.93 -29.95
CA PRO A 195 -17.39 -3.38 -29.96
C PRO A 195 -16.27 -3.84 -29.06
N SER A 196 -15.16 -3.11 -29.01
CA SER A 196 -14.04 -3.54 -28.20
C SER A 196 -14.40 -3.64 -26.73
N MET A 197 -15.50 -2.99 -26.34
CA MET A 197 -15.99 -3.06 -24.97
C MET A 197 -17.15 -4.03 -24.79
N ARG A 198 -17.82 -4.43 -25.86
CA ARG A 198 -18.89 -5.40 -25.68
C ARG A 198 -18.24 -6.69 -25.14
N ILE A 199 -17.19 -7.10 -25.84
CA ILE A 199 -16.43 -8.31 -25.53
C ILE A 199 -15.72 -8.37 -24.17
N LEU A 200 -14.93 -7.35 -23.88
CA LEU A 200 -14.19 -7.29 -22.62
C LEU A 200 -15.13 -7.34 -21.43
N VAL A 201 -16.18 -6.53 -21.47
CA VAL A 201 -17.15 -6.52 -20.38
C VAL A 201 -17.83 -7.87 -20.32
N THR A 202 -18.18 -8.44 -21.47
CA THR A 202 -18.82 -9.76 -21.47
C THR A 202 -17.94 -10.74 -20.68
N LEU A 203 -16.64 -10.78 -20.96
CA LEU A 203 -15.73 -11.67 -20.25
C LEU A 203 -15.71 -11.38 -18.75
N LEU A 204 -15.70 -10.09 -18.42
CA LEU A 204 -15.71 -9.68 -17.03
C LEU A 204 -16.93 -10.28 -16.33
N LEU A 205 -18.10 -10.12 -16.95
CA LEU A 205 -19.37 -10.63 -16.40
C LEU A 205 -19.51 -12.16 -16.42
N ASP A 206 -18.71 -12.82 -17.26
CA ASP A 206 -18.71 -14.26 -17.33
C ASP A 206 -17.78 -14.86 -16.28
N THR A 207 -16.87 -14.06 -15.72
CA THR A 207 -15.97 -14.65 -14.69
C THR A 207 -16.49 -14.77 -13.22
N LEU A 208 -17.57 -14.04 -12.93
CA LEU A 208 -18.14 -13.97 -11.60
C LEU A 208 -18.58 -15.33 -11.06
N PRO A 209 -19.26 -16.14 -11.86
CA PRO A 209 -19.54 -17.47 -11.31
C PRO A 209 -18.32 -18.36 -11.14
N MET A 210 -17.11 -17.89 -11.44
CA MET A 210 -15.95 -18.68 -11.06
C MET A 210 -15.36 -18.21 -9.74
N LEU A 211 -15.66 -16.98 -9.34
CA LEU A 211 -15.29 -16.47 -8.02
C LEU A 211 -16.34 -16.77 -6.97
N GLY A 212 -17.12 -17.82 -7.17
CA GLY A 212 -18.08 -18.20 -6.17
C GLY A 212 -17.37 -18.67 -4.90
N ASN A 213 -16.40 -19.56 -5.07
CA ASN A 213 -15.65 -20.10 -3.94
C ASN A 213 -14.78 -19.10 -3.17
N VAL A 214 -14.06 -18.25 -3.88
CA VAL A 214 -13.21 -17.26 -3.20
C VAL A 214 -14.05 -16.28 -2.39
N LEU A 215 -15.20 -15.89 -2.95
CA LEU A 215 -16.09 -14.98 -2.29
C LEU A 215 -16.63 -15.60 -1.01
N LEU A 216 -16.92 -16.90 -1.07
CA LEU A 216 -17.44 -17.63 0.08
C LEU A 216 -16.43 -17.65 1.21
N LEU A 217 -15.16 -17.83 0.85
CA LEU A 217 -14.06 -17.85 1.81
C LEU A 217 -13.91 -16.52 2.51
N CYS A 218 -14.13 -15.43 1.77
CA CYS A 218 -14.04 -14.09 2.33
C CYS A 218 -15.08 -13.88 3.42
N PHE A 219 -16.27 -14.42 3.25
CA PHE A 219 -17.31 -14.26 4.25
C PHE A 219 -16.89 -14.89 5.57
N PHE A 220 -16.25 -16.05 5.53
CA PHE A 220 -15.80 -16.68 6.76
C PHE A 220 -14.81 -15.78 7.46
N VAL A 221 -13.87 -15.22 6.70
CA VAL A 221 -12.86 -14.33 7.28
C VAL A 221 -13.46 -13.06 7.87
N PHE A 222 -14.39 -12.44 7.15
CA PHE A 222 -15.02 -11.24 7.65
C PHE A 222 -15.85 -11.50 8.90
N PHE A 223 -16.62 -12.59 8.87
CA PHE A 223 -17.45 -12.97 10.00
C PHE A 223 -16.70 -13.41 11.26
N ILE A 224 -15.65 -14.21 11.10
CA ILE A 224 -14.90 -14.72 12.24
C ILE A 224 -14.15 -13.59 12.92
N PHE A 225 -13.38 -12.83 12.17
CA PHE A 225 -12.73 -11.66 12.73
C PHE A 225 -13.70 -10.53 13.00
N GLY A 226 -14.88 -10.55 12.40
CA GLY A 226 -15.83 -9.50 12.64
C GLY A 226 -16.49 -9.61 13.99
N ILE A 227 -16.54 -10.81 14.55
CA ILE A 227 -17.20 -11.00 15.82
C ILE A 227 -16.21 -10.93 16.97
N VAL A 228 -15.03 -11.54 16.79
CA VAL A 228 -13.94 -11.43 17.74
C VAL A 228 -13.56 -9.99 18.01
N GLY A 229 -13.68 -9.12 17.02
CA GLY A 229 -13.56 -7.70 17.28
C GLY A 229 -14.67 -7.17 18.17
N VAL A 230 -15.90 -7.61 17.94
CA VAL A 230 -17.02 -7.05 18.68
C VAL A 230 -17.14 -7.67 20.07
N GLN A 231 -16.67 -8.91 20.19
CA GLN A 231 -16.65 -9.58 21.49
C GLN A 231 -15.65 -8.89 22.42
N LEU A 232 -14.50 -8.48 21.87
CA LEU A 232 -13.45 -7.87 22.66
C LEU A 232 -13.63 -6.37 22.78
N TRP A 233 -13.57 -5.64 21.68
CA TRP A 233 -13.36 -4.19 21.74
C TRP A 233 -14.66 -3.42 21.56
N ALA A 234 -15.70 -3.78 22.29
CA ALA A 234 -17.00 -3.17 22.08
C ALA A 234 -17.09 -1.93 22.96
N GLY A 235 -17.04 -0.77 22.34
CA GLY A 235 -17.13 0.46 23.07
C GLY A 235 -15.90 0.79 23.87
N LEU A 236 -14.82 0.09 23.56
CA LEU A 236 -13.52 0.34 24.16
C LEU A 236 -12.93 1.66 23.68
N LEU A 237 -13.12 1.96 22.40
CA LEU A 237 -12.58 3.18 21.79
C LEU A 237 -13.13 4.49 22.34
N ARG A 238 -14.35 4.47 22.86
CA ARG A 238 -14.98 5.66 23.40
C ARG A 238 -14.28 6.29 24.60
N ASN A 239 -13.72 5.49 25.50
CA ASN A 239 -13.12 6.05 26.73
C ASN A 239 -11.97 7.04 26.62
N ARG A 240 -11.98 7.98 27.55
CA ARG A 240 -11.08 9.11 27.69
C ARG A 240 -10.90 9.44 29.16
N CYS A 241 -9.83 10.14 29.50
CA CYS A 241 -9.63 10.51 30.89
C CYS A 241 -10.79 11.44 31.19
N PHE A 242 -11.46 11.18 32.30
CA PHE A 242 -12.62 11.98 32.68
C PHE A 242 -12.43 12.51 34.06
N LEU A 243 -12.99 13.67 34.35
CA LEU A 243 -12.80 14.18 35.69
C LEU A 243 -13.35 13.17 36.69
N PRO A 244 -13.03 13.32 37.98
CA PRO A 244 -13.65 12.43 38.97
C PRO A 244 -15.12 12.68 39.27
N GLU A 245 -15.79 13.52 38.49
CA GLU A 245 -17.23 13.76 38.35
C GLU A 245 -17.91 14.30 39.61
N ASN A 246 -17.20 14.49 40.72
CA ASN A 246 -17.89 15.15 41.82
C ASN A 246 -17.71 16.65 41.78
N PHE A 247 -16.49 17.04 41.43
CA PHE A 247 -16.09 18.43 41.37
C PHE A 247 -16.17 18.98 39.96
N SER A 248 -16.79 20.15 39.86
CA SER A 248 -16.95 20.83 38.59
C SER A 248 -15.95 21.98 38.56
N LEU A 249 -15.19 22.05 37.47
CA LEU A 249 -14.18 23.08 37.33
C LEU A 249 -14.83 24.45 37.12
N PRO A 250 -14.09 25.50 37.45
CA PRO A 250 -14.60 26.86 37.36
C PRO A 250 -14.96 27.29 35.93
N LEU A 251 -15.90 28.22 35.84
CA LEU A 251 -16.38 28.74 34.57
C LEU A 251 -15.27 29.42 33.78
N SER A 252 -14.38 30.13 34.46
CA SER A 252 -13.29 30.84 33.82
C SER A 252 -12.30 29.96 33.05
N VAL A 253 -11.97 28.79 33.58
CA VAL A 253 -11.00 27.91 32.92
C VAL A 253 -11.43 27.43 31.53
N ASP A 254 -12.73 27.15 31.38
CA ASP A 254 -13.31 26.69 30.11
C ASP A 254 -12.70 25.41 29.54
N LEU A 255 -12.33 24.49 30.43
CA LEU A 255 -11.81 23.20 30.01
C LEU A 255 -12.99 22.33 29.56
N GLU A 256 -12.70 21.38 28.67
CA GLU A 256 -13.72 20.51 28.09
C GLU A 256 -14.49 19.56 29.00
N ARG A 257 -13.80 18.96 29.96
CA ARG A 257 -14.39 17.94 30.84
C ARG A 257 -13.79 16.54 30.62
N TYR A 258 -12.86 16.41 29.68
CA TYR A 258 -11.97 15.26 29.63
C TYR A 258 -10.63 15.72 29.11
N TYR A 259 -9.80 14.78 28.67
CA TYR A 259 -8.52 15.20 28.11
C TYR A 259 -8.61 15.22 26.60
N GLN A 260 -8.60 16.41 26.01
CA GLN A 260 -8.46 16.56 24.58
C GLN A 260 -7.00 16.80 24.23
N THR A 261 -6.58 16.17 23.13
CA THR A 261 -5.23 16.32 22.62
C THR A 261 -5.23 17.57 21.73
N GLU A 262 -4.10 17.86 21.08
CA GLU A 262 -4.07 18.94 20.12
C GLU A 262 -4.93 18.63 18.90
N ASN A 263 -5.06 17.35 18.54
CA ASN A 263 -5.89 16.90 17.42
C ASN A 263 -6.75 15.70 17.84
N GLU A 264 -7.94 15.97 18.34
CA GLU A 264 -8.84 14.92 18.78
C GLU A 264 -9.50 14.14 17.66
N ASP A 265 -9.27 14.49 16.42
CA ASP A 265 -9.87 13.77 15.32
C ASP A 265 -8.98 12.64 14.82
N GLU A 266 -7.67 12.77 15.01
CA GLU A 266 -6.68 11.85 14.47
C GLU A 266 -6.04 11.02 15.55
N SER A 267 -5.64 11.63 16.66
CA SER A 267 -4.99 10.94 17.76
C SER A 267 -5.59 11.40 19.07
N PRO A 268 -6.71 10.83 19.48
CA PRO A 268 -7.25 11.16 20.80
C PRO A 268 -6.47 10.41 21.86
N PHE A 269 -6.66 10.80 23.11
CA PHE A 269 -5.96 10.14 24.19
C PHE A 269 -6.92 9.10 24.71
N ILE A 270 -6.67 7.84 24.39
CA ILE A 270 -7.55 6.78 24.82
C ILE A 270 -6.97 6.07 26.04
N CYS A 271 -7.61 6.28 27.18
CA CYS A 271 -7.20 5.68 28.43
C CYS A 271 -7.62 4.22 28.47
N SER A 272 -6.99 3.44 29.34
CA SER A 272 -7.34 2.03 29.44
C SER A 272 -8.08 1.76 30.74
N GLN A 273 -9.14 0.97 30.65
CA GLN A 273 -9.96 0.63 31.81
C GLN A 273 -9.15 -0.16 32.81
N PRO A 274 -9.45 0.02 34.09
CA PRO A 274 -8.71 -0.67 35.15
C PRO A 274 -8.81 -2.18 34.99
N ARG A 275 -9.98 -2.68 34.60
CA ARG A 275 -10.16 -4.12 34.41
C ARG A 275 -9.42 -4.65 33.20
N GLU A 276 -8.59 -3.83 32.57
CA GLU A 276 -7.86 -4.21 31.37
C GLU A 276 -6.41 -3.78 31.55
N ASN A 277 -5.59 -4.20 30.60
CA ASN A 277 -4.18 -3.85 30.65
C ASN A 277 -3.84 -3.20 29.31
N GLY A 278 -4.10 -1.92 29.22
CA GLY A 278 -3.74 -1.17 28.04
C GLY A 278 -2.37 -0.61 28.21
N MET A 279 -1.72 -0.34 27.08
CA MET A 279 -0.41 0.29 27.08
C MET A 279 -0.45 1.73 27.59
N ARG A 280 -1.41 2.49 27.10
CA ARG A 280 -1.57 3.88 27.50
C ARG A 280 -2.47 3.97 28.70
N SER A 281 -1.87 3.82 29.87
CA SER A 281 -2.57 3.90 31.13
C SER A 281 -2.83 5.35 31.50
N CYS A 282 -3.73 5.55 32.45
CA CYS A 282 -4.06 6.88 32.96
C CYS A 282 -2.91 7.41 33.83
N ARG A 283 -2.88 8.75 33.96
CA ARG A 283 -1.89 9.60 34.67
C ARG A 283 -0.62 9.83 33.87
N SER A 284 -0.64 9.39 32.61
CA SER A 284 0.48 9.61 31.71
C SER A 284 0.29 10.91 30.91
N VAL A 285 -0.81 11.62 31.15
CA VAL A 285 -1.10 12.86 30.46
C VAL A 285 -0.04 13.88 30.82
N PRO A 286 0.35 14.68 29.83
CA PRO A 286 1.37 15.71 29.99
C PRO A 286 0.90 16.87 30.85
N THR A 287 1.82 17.53 31.53
CA THR A 287 1.47 18.64 32.39
C THR A 287 0.93 19.78 31.53
N LEU A 288 -0.11 20.45 32.02
CA LEU A 288 -0.73 21.54 31.30
C LEU A 288 0.20 22.75 31.22
N ARG A 289 0.14 23.48 30.11
CA ARG A 289 0.98 24.65 29.94
C ARG A 289 0.52 25.80 30.82
N CYS A 313 0.07 29.43 37.04
CA CYS A 313 -1.21 28.83 36.68
C CYS A 313 -1.34 27.43 37.26
N VAL A 314 -2.57 26.92 37.31
CA VAL A 314 -2.85 25.59 37.83
C VAL A 314 -2.96 24.63 36.66
N ASN A 315 -2.35 23.44 36.78
CA ASN A 315 -2.40 22.44 35.73
C ASN A 315 -3.60 21.53 35.97
N TRP A 316 -4.56 21.57 35.07
CA TRP A 316 -5.76 20.77 35.23
C TRP A 316 -5.57 19.34 34.74
N ASN A 317 -4.47 19.05 34.07
CA ASN A 317 -4.26 17.69 33.59
C ASN A 317 -3.97 16.71 34.71
N GLN A 318 -3.66 17.23 35.90
CA GLN A 318 -3.33 16.36 37.01
C GLN A 318 -4.59 15.82 37.68
N TYR A 319 -5.76 16.33 37.27
CA TYR A 319 -7.03 15.90 37.83
C TYR A 319 -7.82 15.00 36.91
N TYR A 320 -7.21 14.45 35.87
CA TYR A 320 -7.90 13.55 34.97
C TYR A 320 -7.58 12.10 35.31
N THR A 321 -8.12 11.64 36.44
CA THR A 321 -7.76 10.32 36.96
C THR A 321 -8.72 9.25 36.49
N ASN A 322 -10.00 9.52 36.58
CA ASN A 322 -11.08 8.62 36.18
C ASN A 322 -10.98 8.35 34.69
N CYS A 323 -11.32 7.14 34.28
CA CYS A 323 -11.35 6.79 32.87
C CYS A 323 -12.59 5.99 32.56
N SER A 324 -13.43 6.53 31.69
CA SER A 324 -14.72 5.93 31.40
C SER A 324 -15.18 6.37 30.03
N ALA A 325 -16.22 5.71 29.54
CA ALA A 325 -16.72 5.93 28.19
C ALA A 325 -17.20 7.33 27.83
N GLY A 326 -16.91 7.69 26.59
CA GLY A 326 -17.24 8.99 26.02
C GLY A 326 -18.01 8.82 24.73
N GLU A 327 -18.67 9.88 24.31
CA GLU A 327 -19.51 9.90 23.10
C GLU A 327 -18.86 9.63 21.74
N HIS A 328 -17.66 10.13 21.51
CA HIS A 328 -17.04 10.00 20.18
C HIS A 328 -15.92 8.99 19.93
N ASN A 329 -16.03 8.29 18.80
CA ASN A 329 -15.02 7.35 18.35
C ASN A 329 -13.79 8.09 17.79
N PRO A 330 -12.66 7.40 17.69
CA PRO A 330 -11.40 8.03 17.31
C PRO A 330 -11.29 8.81 15.98
N PHE A 331 -11.78 8.32 14.85
CA PHE A 331 -11.67 9.12 13.63
C PHE A 331 -13.07 9.47 13.27
N LYS A 332 -13.49 10.70 13.57
CA LYS A 332 -14.87 11.16 13.37
C LYS A 332 -15.69 10.12 14.10
N GLY A 333 -16.62 9.47 13.41
CA GLY A 333 -17.34 8.38 14.02
C GLY A 333 -16.97 7.10 13.29
N ALA A 334 -16.06 7.20 12.33
CA ALA A 334 -15.72 6.05 11.47
C ALA A 334 -14.96 4.85 11.99
N ILE A 335 -13.91 5.03 12.77
CA ILE A 335 -13.18 3.86 13.24
C ILE A 335 -13.70 3.46 14.61
N ASN A 336 -14.22 2.24 14.70
CA ASN A 336 -15.14 1.89 15.75
C ASN A 336 -15.36 0.39 15.64
N PHE A 337 -15.64 -0.27 16.76
CA PHE A 337 -15.85 -1.70 16.72
C PHE A 337 -17.12 -2.12 17.45
N ASP A 338 -18.18 -1.32 17.46
CA ASP A 338 -19.33 -1.67 18.27
C ASP A 338 -20.62 -1.96 17.48
N ASN A 339 -20.51 -2.37 16.22
CA ASN A 339 -21.56 -3.12 15.56
C ASN A 339 -20.87 -4.20 14.78
N ILE A 340 -21.63 -5.02 14.07
CA ILE A 340 -21.00 -5.82 13.03
C ILE A 340 -20.88 -4.98 11.76
N GLY A 341 -21.60 -3.87 11.70
CA GLY A 341 -21.44 -2.97 10.58
C GLY A 341 -20.15 -2.20 10.63
N TYR A 342 -19.85 -1.61 11.79
CA TYR A 342 -18.62 -0.86 11.96
C TYR A 342 -17.38 -1.70 12.09
N ALA A 343 -17.49 -3.00 12.39
CA ALA A 343 -16.27 -3.80 12.40
C ALA A 343 -15.81 -4.08 10.98
N TRP A 344 -16.74 -4.28 10.05
CA TRP A 344 -16.39 -4.63 8.69
C TRP A 344 -15.85 -3.47 7.88
N ILE A 345 -16.05 -2.23 8.35
CA ILE A 345 -15.28 -1.13 7.79
C ILE A 345 -13.83 -1.26 8.18
N ALA A 346 -13.57 -1.60 9.44
CA ALA A 346 -12.22 -1.65 9.94
C ALA A 346 -11.48 -2.88 9.44
N ILE A 347 -12.17 -4.01 9.28
CA ILE A 347 -11.55 -5.18 8.68
C ILE A 347 -11.24 -4.94 7.21
N PHE A 348 -12.07 -4.17 6.52
CA PHE A 348 -11.80 -3.85 5.12
C PHE A 348 -10.62 -2.90 5.00
N GLN A 349 -10.37 -2.10 6.01
CA GLN A 349 -9.23 -1.21 5.98
C GLN A 349 -7.93 -1.92 6.34
N VAL A 350 -8.00 -2.95 7.17
CA VAL A 350 -6.83 -3.77 7.45
C VAL A 350 -6.42 -4.63 6.23
N ILE A 351 -7.40 -5.21 5.55
CA ILE A 351 -7.20 -6.03 4.36
C ILE A 351 -6.65 -5.20 3.19
N THR A 352 -7.07 -3.96 3.07
CA THR A 352 -6.48 -3.14 2.02
C THR A 352 -5.13 -2.54 2.42
N LEU A 353 -4.68 -2.77 3.66
CA LEU A 353 -3.36 -2.40 4.17
C LEU A 353 -3.11 -0.90 4.16
N GLU A 354 -4.15 -0.09 4.22
CA GLU A 354 -3.99 1.35 4.22
C GLU A 354 -4.48 1.89 5.54
N GLY A 355 -3.57 2.40 6.36
CA GLY A 355 -3.94 2.94 7.65
C GLY A 355 -4.29 1.87 8.66
N TRP A 356 -3.88 0.64 8.38
CA TRP A 356 -4.13 -0.48 9.28
C TRP A 356 -3.48 -0.30 10.64
N VAL A 357 -2.29 0.29 10.67
CA VAL A 357 -1.55 0.53 11.90
C VAL A 357 -2.28 1.45 12.87
N ASP A 358 -2.96 2.46 12.36
CA ASP A 358 -3.65 3.39 13.24
C ASP A 358 -4.67 2.67 14.10
N ILE A 359 -5.36 1.71 13.51
CA ILE A 359 -6.34 0.94 14.25
C ILE A 359 -5.72 0.09 15.36
N MET A 360 -4.59 -0.56 15.06
CA MET A 360 -3.92 -1.41 16.04
C MET A 360 -3.34 -0.61 17.18
N TYR A 361 -3.03 0.64 16.96
CA TYR A 361 -2.48 1.42 18.05
C TYR A 361 -3.57 1.88 19.01
N PHE A 362 -4.82 1.93 18.56
CA PHE A 362 -5.90 2.33 19.46
C PHE A 362 -6.35 1.18 20.30
N VAL A 363 -6.28 -0.02 19.73
CA VAL A 363 -6.59 -1.26 20.44
C VAL A 363 -5.56 -1.54 21.54
N MET A 364 -4.29 -1.36 21.22
CA MET A 364 -3.20 -1.51 22.17
C MET A 364 -3.22 -0.48 23.29
N ASP A 365 -3.95 0.61 23.15
CA ASP A 365 -4.11 1.50 24.29
C ASP A 365 -5.30 1.11 25.14
N ALA A 366 -6.43 0.85 24.49
CA ALA A 366 -7.63 0.44 25.18
C ALA A 366 -7.62 -0.96 25.79
N HIS A 367 -7.14 -1.95 25.04
CA HIS A 367 -7.19 -3.34 25.51
C HIS A 367 -5.96 -4.24 25.29
N SER A 368 -4.88 -3.97 26.01
CA SER A 368 -3.61 -4.74 26.02
C SER A 368 -2.68 -4.62 24.81
N PHE A 369 -1.50 -5.21 24.92
CA PHE A 369 -0.50 -5.19 23.84
C PHE A 369 -0.37 -6.52 23.10
N TYR A 370 -1.13 -7.50 23.54
CA TYR A 370 -1.14 -8.81 22.89
C TYR A 370 -2.15 -8.89 21.74
N ASN A 371 -2.77 -7.74 21.43
CA ASN A 371 -3.74 -7.58 20.35
C ASN A 371 -3.12 -7.56 18.95
N PHE A 372 -1.80 -7.44 18.87
CA PHE A 372 -1.06 -7.45 17.62
C PHE A 372 -1.20 -8.77 16.86
N ILE A 373 -1.36 -9.89 17.57
CA ILE A 373 -1.54 -11.19 16.95
C ILE A 373 -2.78 -11.23 16.08
N TYR A 374 -3.86 -10.60 16.53
CA TYR A 374 -5.09 -10.57 15.78
C TYR A 374 -4.86 -9.89 14.45
N PHE A 375 -4.17 -8.76 14.45
CA PHE A 375 -3.89 -8.05 13.20
C PHE A 375 -2.95 -8.78 12.25
N ILE A 376 -1.90 -9.37 12.79
CA ILE A 376 -0.95 -10.12 11.97
C ILE A 376 -1.64 -11.30 11.31
N LEU A 377 -2.48 -11.99 12.07
CA LEU A 377 -3.20 -13.14 11.54
C LEU A 377 -4.13 -12.71 10.42
N LEU A 378 -4.79 -11.57 10.62
CA LEU A 378 -5.72 -11.01 9.64
C LEU A 378 -5.03 -10.66 8.35
N ILE A 379 -3.84 -10.10 8.45
CA ILE A 379 -3.04 -9.71 7.29
C ILE A 379 -2.46 -10.85 6.46
N ILE A 380 -1.97 -11.91 7.10
CA ILE A 380 -1.41 -13.03 6.35
C ILE A 380 -2.49 -14.02 5.95
N VAL A 381 -3.74 -13.76 6.35
CA VAL A 381 -4.88 -14.57 5.88
C VAL A 381 -5.79 -13.76 4.98
N GLY A 382 -6.24 -12.60 5.44
CA GLY A 382 -7.11 -11.81 4.62
C GLY A 382 -6.40 -11.07 3.53
N SER A 383 -5.31 -10.42 3.86
CA SER A 383 -4.73 -9.45 2.95
C SER A 383 -3.81 -10.05 1.91
N PHE A 384 -3.10 -11.11 2.26
CA PHE A 384 -2.17 -11.73 1.34
C PHE A 384 -2.67 -13.03 0.77
N PHE A 385 -3.23 -13.89 1.61
CA PHE A 385 -3.64 -15.20 1.17
C PHE A 385 -4.90 -15.17 0.33
N MET A 386 -5.79 -14.22 0.59
CA MET A 386 -7.11 -14.18 -0.01
C MET A 386 -7.21 -13.20 -1.18
N ILE A 387 -6.64 -12.01 -1.03
CA ILE A 387 -6.63 -11.04 -2.12
C ILE A 387 -5.80 -11.54 -3.28
N ASN A 388 -4.70 -12.22 -3.00
CA ASN A 388 -3.94 -12.89 -4.03
C ASN A 388 -4.39 -14.31 -4.27
N LEU A 389 -5.60 -14.67 -3.86
CA LEU A 389 -6.18 -15.95 -4.28
C LEU A 389 -7.16 -15.73 -5.41
N CYS A 390 -7.81 -14.57 -5.45
CA CYS A 390 -8.66 -14.21 -6.55
C CYS A 390 -7.86 -13.67 -7.73
N LEU A 391 -6.54 -13.65 -7.63
CA LEU A 391 -5.71 -13.62 -8.83
C LEU A 391 -5.47 -15.01 -9.36
N VAL A 392 -5.39 -15.99 -8.47
CA VAL A 392 -5.07 -17.35 -8.88
C VAL A 392 -6.28 -18.00 -9.54
N VAL A 393 -7.47 -17.82 -8.96
CA VAL A 393 -8.68 -18.42 -9.51
C VAL A 393 -9.08 -17.73 -10.80
N ILE A 394 -8.80 -16.44 -10.92
CA ILE A 394 -9.20 -15.69 -12.11
C ILE A 394 -8.28 -15.96 -13.28
N ALA A 395 -7.10 -16.54 -13.05
CA ALA A 395 -6.15 -16.81 -14.11
C ALA A 395 -6.01 -18.30 -14.39
N THR A 396 -6.31 -19.15 -13.42
CA THR A 396 -6.35 -20.58 -13.70
C THR A 396 -7.55 -20.97 -14.54
N GLN A 397 -8.51 -20.07 -14.68
CA GLN A 397 -9.71 -20.33 -15.43
C GLN A 397 -9.52 -20.18 -16.94
N PHE A 398 -8.47 -19.49 -17.35
CA PHE A 398 -8.23 -19.27 -18.78
C PHE A 398 -7.33 -20.36 -19.33
N SER A 399 -6.16 -20.54 -18.72
CA SER A 399 -5.07 -21.43 -19.15
C SER A 399 -4.66 -21.10 -20.58
N TYR A 744 33.93 0.60 -35.53
CA TYR A 744 34.64 1.28 -34.44
C TYR A 744 34.07 2.65 -34.18
N PHE A 745 33.63 3.31 -35.26
CA PHE A 745 33.16 4.68 -35.16
C PHE A 745 31.86 4.77 -34.37
N GLY A 746 30.96 3.81 -34.56
CA GLY A 746 29.71 3.80 -33.81
C GLY A 746 29.92 3.49 -32.35
N ARG A 747 30.97 2.72 -32.03
CA ARG A 747 31.28 2.45 -30.63
C ARG A 747 31.82 3.71 -29.95
N GLY A 748 32.36 4.64 -30.73
CA GLY A 748 32.76 5.91 -30.16
C GLY A 748 31.57 6.80 -29.82
N ILE A 749 30.51 6.73 -30.62
CA ILE A 749 29.36 7.61 -30.40
C ILE A 749 28.55 7.12 -29.20
N MET A 750 28.54 5.81 -28.95
CA MET A 750 27.88 5.27 -27.76
C MET A 750 28.53 5.78 -26.48
N ILE A 751 29.84 5.98 -26.49
CA ILE A 751 30.52 6.64 -25.38
C ILE A 751 30.13 8.11 -25.32
N ALA A 752 29.88 8.71 -26.48
CA ALA A 752 29.62 10.15 -26.52
C ALA A 752 28.22 10.46 -26.02
N ILE A 753 27.23 9.62 -26.36
CA ILE A 753 25.85 9.89 -26.00
C ILE A 753 25.65 9.68 -24.51
N LEU A 754 26.36 8.70 -23.94
CA LEU A 754 26.25 8.42 -22.50
C LEU A 754 26.77 9.58 -21.68
N VAL A 755 27.93 10.12 -22.04
CA VAL A 755 28.55 11.15 -21.23
C VAL A 755 27.85 12.50 -21.45
N ASN A 756 27.07 12.62 -22.53
CA ASN A 756 26.20 13.78 -22.68
C ASN A 756 25.09 13.76 -21.64
N THR A 757 24.40 12.63 -21.56
CA THR A 757 23.29 12.47 -20.62
C THR A 757 23.77 12.57 -19.19
N LEU A 758 24.91 11.94 -18.89
CA LEU A 758 25.46 12.03 -17.55
C LEU A 758 25.95 13.43 -17.26
N SER A 759 26.14 14.22 -18.30
CA SER A 759 26.57 15.60 -18.17
C SER A 759 25.36 16.43 -17.74
N MET A 760 24.16 15.95 -18.04
CA MET A 760 22.95 16.66 -17.67
C MET A 760 22.63 16.44 -16.20
N GLY A 761 23.01 15.29 -15.66
CA GLY A 761 22.56 14.91 -14.34
C GLY A 761 23.35 15.52 -13.20
N ILE A 762 24.23 16.46 -13.55
CA ILE A 762 25.07 17.14 -12.58
C ILE A 762 24.57 18.56 -12.34
N GLU A 763 23.28 18.70 -12.04
CA GLU A 763 22.69 20.01 -11.79
C GLU A 763 23.06 20.50 -10.40
N TYR A 764 22.22 20.15 -9.42
CA TYR A 764 22.37 20.48 -7.99
C TYR A 764 22.25 21.96 -7.59
N HIS A 765 21.10 22.29 -6.99
CA HIS A 765 20.81 23.64 -6.54
C HIS A 765 22.08 24.38 -6.10
N GLU A 766 22.09 25.69 -6.34
CA GLU A 766 23.19 26.58 -5.95
C GLU A 766 24.59 26.21 -6.47
N GLN A 767 24.67 25.71 -7.69
CA GLN A 767 25.97 25.36 -8.26
C GLN A 767 26.70 26.65 -8.59
N PRO A 768 28.02 26.65 -8.49
CA PRO A 768 28.78 27.87 -8.75
C PRO A 768 28.76 28.22 -10.22
N GLU A 769 29.01 29.50 -10.50
CA GLU A 769 28.98 30.02 -11.85
C GLU A 769 30.04 29.40 -12.75
N GLU A 770 31.14 28.89 -12.19
CA GLU A 770 32.14 28.23 -13.01
C GLU A 770 31.65 26.90 -13.52
N LEU A 771 30.68 26.30 -12.85
CA LEU A 771 30.14 25.02 -13.26
C LEU A 771 29.01 25.17 -14.26
N THR A 772 28.14 26.15 -14.07
CA THR A 772 27.05 26.35 -15.01
C THR A 772 27.62 26.70 -16.38
N ASN A 773 28.65 27.55 -16.37
CA ASN A 773 29.31 27.97 -17.60
C ASN A 773 29.99 26.80 -18.31
N ALA A 774 30.65 25.95 -17.54
CA ALA A 774 31.34 24.79 -18.11
C ALA A 774 30.34 23.86 -18.80
N LEU A 775 29.19 23.66 -18.16
CA LEU A 775 28.16 22.81 -18.72
C LEU A 775 27.64 23.39 -20.03
N GLU A 776 27.48 24.71 -20.07
CA GLU A 776 27.00 25.37 -21.27
C GLU A 776 27.99 25.17 -22.41
N ILE A 777 29.28 25.31 -22.09
CA ILE A 777 30.34 25.12 -23.07
C ILE A 777 30.37 23.68 -23.55
N SER A 778 30.15 22.75 -22.62
CA SER A 778 30.15 21.33 -22.93
C SER A 778 29.05 20.97 -23.91
N ASN A 779 27.89 21.59 -23.76
CA ASN A 779 26.79 21.34 -24.65
C ASN A 779 27.12 21.75 -26.09
N ILE A 780 27.81 22.88 -26.22
CA ILE A 780 28.19 23.37 -27.54
C ILE A 780 29.14 22.43 -28.28
N VAL A 781 30.15 21.91 -27.58
CA VAL A 781 31.09 20.99 -28.22
C VAL A 781 30.45 19.67 -28.67
N PHE A 782 29.56 19.14 -27.84
CA PHE A 782 28.85 17.90 -28.15
C PHE A 782 27.95 18.04 -29.37
N THR A 783 27.30 19.19 -29.50
CA THR A 783 26.39 19.40 -30.62
C THR A 783 27.18 19.31 -31.91
N SER A 784 28.36 19.94 -31.95
CA SER A 784 29.19 19.83 -33.13
C SER A 784 29.72 18.42 -33.31
N LEU A 785 29.87 17.67 -32.24
CA LEU A 785 30.31 16.29 -32.36
C LEU A 785 29.20 15.41 -32.90
N PHE A 786 27.93 15.85 -32.80
CA PHE A 786 26.81 15.20 -33.46
C PHE A 786 26.48 15.81 -34.80
N ALA A 787 26.74 17.10 -34.98
CA ALA A 787 26.48 17.74 -36.26
C ALA A 787 27.48 17.29 -37.32
N LEU A 788 28.74 17.14 -36.94
CA LEU A 788 29.76 16.78 -37.93
C LEU A 788 29.73 15.30 -38.27
N GLU A 789 29.10 14.46 -37.44
CA GLU A 789 28.76 13.14 -37.93
C GLU A 789 27.66 13.23 -38.96
N MET A 790 26.64 14.06 -38.70
CA MET A 790 25.56 14.28 -39.65
C MET A 790 26.08 14.85 -40.97
N LEU A 791 27.06 15.73 -40.86
CA LEU A 791 27.74 16.23 -42.02
C LEU A 791 28.50 15.06 -42.66
N LEU A 792 29.15 14.22 -41.84
CA LEU A 792 29.88 13.09 -42.42
C LEU A 792 28.90 12.10 -43.02
N LYS A 793 27.78 11.84 -42.34
CA LYS A 793 26.81 10.88 -42.84
C LYS A 793 26.03 11.40 -44.04
N LEU A 794 26.17 12.70 -44.31
CA LEU A 794 25.54 13.31 -45.46
C LEU A 794 26.49 13.45 -46.65
N LEU A 795 27.74 13.02 -46.49
CA LEU A 795 28.72 13.08 -47.56
C LEU A 795 29.27 11.72 -47.95
N VAL A 796 29.58 10.86 -46.98
CA VAL A 796 29.98 9.49 -47.32
C VAL A 796 28.76 8.67 -47.73
N TYR A 797 27.57 9.09 -47.36
CA TYR A 797 26.33 8.53 -47.87
C TYR A 797 25.61 9.59 -48.69
N GLY A 798 24.71 9.13 -49.55
CA GLY A 798 23.92 10.02 -50.36
C GLY A 798 22.73 10.58 -49.58
N PRO A 799 22.20 11.71 -50.05
CA PRO A 799 21.09 12.34 -49.31
C PRO A 799 19.82 11.53 -49.30
N PHE A 800 19.43 10.93 -50.43
CA PHE A 800 18.23 10.11 -50.45
C PHE A 800 18.40 8.83 -49.65
N GLY A 801 19.56 8.17 -49.78
CA GLY A 801 19.82 6.94 -49.05
C GLY A 801 19.99 7.13 -47.57
N TYR A 802 20.27 8.36 -47.14
CA TYR A 802 20.35 8.65 -45.71
C TYR A 802 18.99 8.61 -45.06
N ILE A 803 17.95 9.03 -45.79
CA ILE A 803 16.65 9.18 -45.17
C ILE A 803 16.01 7.82 -44.90
N LYS A 804 16.31 6.82 -45.74
CA LYS A 804 15.48 5.62 -45.81
C LYS A 804 15.55 4.78 -44.54
N ASN A 805 16.73 4.68 -43.94
CA ASN A 805 16.82 3.97 -42.67
C ASN A 805 16.32 4.87 -41.55
N PRO A 806 15.33 4.43 -40.78
CA PRO A 806 14.47 5.37 -40.05
C PRO A 806 15.12 5.99 -38.82
N TYR A 807 16.13 5.36 -38.24
CA TYR A 807 16.82 5.98 -37.13
C TYR A 807 17.68 7.15 -37.57
N ASN A 808 18.10 7.16 -38.84
CA ASN A 808 18.88 8.27 -39.35
C ASN A 808 18.05 9.53 -39.52
N ILE A 809 16.74 9.39 -39.71
CA ILE A 809 15.86 10.55 -39.70
C ILE A 809 15.83 11.18 -38.32
N PHE A 810 15.59 10.37 -37.29
CA PHE A 810 15.43 10.87 -35.93
C PHE A 810 16.70 11.49 -35.39
N ASP A 811 17.87 10.95 -35.75
CA ASP A 811 19.12 11.49 -35.26
C ASP A 811 19.46 12.85 -35.86
N GLY A 812 18.77 13.24 -36.94
CA GLY A 812 18.95 14.55 -37.53
C GLY A 812 17.99 15.58 -36.98
N VAL A 813 16.87 15.11 -36.42
CA VAL A 813 15.91 16.02 -35.82
C VAL A 813 16.48 16.63 -34.54
N ILE A 814 17.21 15.82 -33.77
CA ILE A 814 17.88 16.29 -32.55
C ILE A 814 18.95 17.33 -32.86
N VAL A 815 19.54 17.26 -34.05
CA VAL A 815 20.55 18.23 -34.45
C VAL A 815 19.92 19.60 -34.67
N VAL A 816 18.76 19.64 -35.31
CA VAL A 816 18.11 20.90 -35.64
C VAL A 816 17.59 21.59 -34.39
N ILE A 817 17.07 20.81 -33.43
CA ILE A 817 16.61 21.38 -32.17
C ILE A 817 17.79 21.92 -31.36
N SER A 818 18.93 21.25 -31.46
CA SER A 818 20.11 21.65 -30.72
C SER A 818 20.64 23.01 -31.14
N VAL A 819 20.66 23.26 -32.44
CA VAL A 819 21.17 24.52 -32.97
C VAL A 819 20.37 25.74 -32.51
N TRP A 820 19.05 25.60 -32.47
CA TRP A 820 18.19 26.70 -32.04
C TRP A 820 18.17 26.82 -30.52
N SER A 831 13.75 27.04 -20.77
CA SER A 831 12.78 26.98 -21.86
C SER A 831 12.50 25.54 -22.28
N VAL A 832 11.57 25.35 -23.20
CA VAL A 832 11.24 24.01 -23.67
C VAL A 832 12.42 23.35 -24.36
N LEU A 833 13.14 24.13 -25.16
CA LEU A 833 14.29 23.59 -25.88
C LEU A 833 15.37 23.11 -24.90
N ARG A 834 15.55 23.87 -23.82
CA ARG A 834 16.54 23.53 -22.79
C ARG A 834 16.16 22.20 -22.13
N THR A 835 14.88 22.05 -21.84
CA THR A 835 14.40 20.80 -21.26
C THR A 835 14.51 19.63 -22.22
N PHE A 836 14.24 19.89 -23.51
CA PHE A 836 14.24 18.83 -24.51
C PHE A 836 15.50 17.99 -24.63
N ARG A 837 16.66 18.57 -24.31
CA ARG A 837 17.95 17.89 -24.35
C ARG A 837 17.90 16.46 -23.78
N LEU A 838 16.83 16.16 -23.05
CA LEU A 838 16.66 14.82 -22.49
C LEU A 838 16.18 13.81 -23.51
N MET A 839 15.95 14.25 -24.73
CA MET A 839 15.59 13.30 -25.76
C MET A 839 16.87 12.77 -26.41
N ARG A 840 18.01 13.30 -26.00
CA ARG A 840 19.25 12.84 -26.61
C ARG A 840 19.67 11.45 -26.16
N VAL A 841 19.11 10.94 -25.06
CA VAL A 841 19.37 9.57 -24.70
C VAL A 841 18.59 8.61 -25.60
N LEU A 842 17.51 9.10 -26.20
CA LEU A 842 16.69 8.26 -27.03
C LEU A 842 17.44 7.72 -28.24
N LYS A 843 18.33 8.52 -28.78
CA LYS A 843 19.04 8.13 -29.99
C LYS A 843 19.98 6.96 -29.77
N LEU A 844 20.15 6.53 -28.52
CA LEU A 844 21.06 5.44 -28.20
C LEU A 844 20.51 4.08 -28.61
N VAL A 845 19.22 3.94 -28.89
CA VAL A 845 18.64 2.64 -29.22
C VAL A 845 18.86 2.22 -30.65
N ARG A 846 19.78 2.92 -31.32
CA ARG A 846 20.20 2.60 -32.67
C ARG A 846 21.42 1.68 -32.59
N PHE A 847 22.04 1.60 -31.41
CA PHE A 847 23.22 0.77 -31.17
C PHE A 847 22.93 -0.42 -30.28
N LEU A 848 21.69 -0.58 -29.80
CA LEU A 848 21.41 -1.74 -28.97
C LEU A 848 20.40 -2.67 -29.62
N PRO A 849 20.86 -3.83 -30.08
CA PRO A 849 19.97 -4.80 -30.69
C PRO A 849 18.97 -5.43 -29.70
N ALA A 850 19.44 -5.76 -28.50
CA ALA A 850 18.58 -6.38 -27.49
C ALA A 850 17.47 -5.46 -27.01
N LEU A 851 17.79 -4.21 -26.74
CA LEU A 851 16.81 -3.23 -26.29
C LEU A 851 15.79 -2.98 -27.37
N GLN A 852 16.26 -2.94 -28.61
CA GLN A 852 15.41 -2.70 -29.77
C GLN A 852 14.38 -3.81 -29.89
N ARG A 853 14.79 -5.04 -29.66
CA ARG A 853 13.89 -6.20 -29.68
C ARG A 853 12.94 -6.17 -28.50
N GLN A 854 13.48 -5.82 -27.33
CA GLN A 854 12.69 -5.78 -26.11
C GLN A 854 11.58 -4.75 -26.13
N LEU A 855 11.89 -3.57 -26.65
CA LEU A 855 10.92 -2.49 -26.72
C LEU A 855 9.74 -2.85 -27.61
N VAL A 856 10.01 -3.53 -28.72
CA VAL A 856 8.95 -3.92 -29.62
C VAL A 856 7.98 -4.88 -28.94
N VAL A 857 8.51 -5.81 -28.16
CA VAL A 857 7.67 -6.77 -27.46
C VAL A 857 6.76 -6.03 -26.49
N LEU A 858 7.33 -5.05 -25.81
CA LEU A 858 6.58 -4.24 -24.85
C LEU A 858 5.48 -3.47 -25.59
N MET A 859 5.82 -2.93 -26.75
CA MET A 859 4.88 -2.18 -27.58
C MET A 859 3.73 -3.03 -28.10
N LYS A 860 4.00 -4.31 -28.35
CA LYS A 860 3.01 -5.25 -28.85
C LYS A 860 1.83 -5.43 -27.89
N THR A 861 2.11 -5.40 -26.59
CA THR A 861 1.10 -5.53 -25.55
C THR A 861 0.15 -4.33 -25.38
N MET A 862 0.50 -3.21 -26.01
CA MET A 862 -0.29 -2.00 -25.89
C MET A 862 -1.70 -2.18 -26.41
N ASP A 863 -1.85 -2.90 -27.50
CA ASP A 863 -3.18 -3.08 -28.06
C ASP A 863 -4.09 -3.78 -27.06
N ASN A 864 -3.60 -4.82 -26.40
CA ASN A 864 -4.39 -5.53 -25.39
C ASN A 864 -4.72 -4.61 -24.21
N VAL A 865 -3.72 -3.84 -23.79
CA VAL A 865 -3.82 -2.89 -22.70
C VAL A 865 -4.70 -1.68 -22.95
N ALA A 866 -4.71 -1.21 -24.19
CA ALA A 866 -5.46 -0.02 -24.55
C ALA A 866 -6.95 -0.15 -24.27
N THR A 867 -7.54 -1.31 -24.55
CA THR A 867 -8.96 -1.48 -24.31
C THR A 867 -9.30 -1.33 -22.84
N PHE A 868 -8.53 -1.99 -21.98
CA PHE A 868 -8.79 -1.95 -20.56
C PHE A 868 -8.65 -0.53 -20.06
N CYS A 869 -7.64 0.18 -20.55
CA CYS A 869 -7.44 1.57 -20.16
C CYS A 869 -8.64 2.40 -20.63
N MET A 870 -9.10 2.13 -21.85
CA MET A 870 -10.26 2.81 -22.41
C MET A 870 -11.49 2.48 -21.57
N LEU A 871 -11.61 1.21 -21.18
CA LEU A 871 -12.69 0.76 -20.32
C LEU A 871 -12.58 1.40 -18.95
N LEU A 872 -11.35 1.53 -18.46
CA LEU A 872 -11.06 2.13 -17.17
C LEU A 872 -11.49 3.59 -17.12
N MET A 873 -11.32 4.31 -18.22
CA MET A 873 -11.68 5.72 -18.30
C MET A 873 -13.16 5.92 -18.04
N LEU A 874 -13.99 5.05 -18.58
CA LEU A 874 -15.43 5.13 -18.35
C LEU A 874 -15.73 4.93 -16.87
N PHE A 875 -15.03 3.98 -16.25
CA PHE A 875 -15.19 3.68 -14.84
C PHE A 875 -14.81 4.85 -13.94
N ILE A 876 -13.73 5.56 -14.27
CA ILE A 876 -13.34 6.70 -13.45
C ILE A 876 -14.30 7.85 -13.64
N PHE A 877 -14.67 8.11 -14.89
CA PHE A 877 -15.58 9.19 -15.19
C PHE A 877 -16.88 9.00 -14.42
N ILE A 878 -17.51 7.84 -14.58
CA ILE A 878 -18.75 7.54 -13.90
C ILE A 878 -18.65 7.74 -12.39
N PHE A 879 -17.59 7.22 -11.79
CA PHE A 879 -17.40 7.34 -10.35
C PHE A 879 -16.97 8.72 -9.90
N SER A 880 -16.43 9.52 -10.80
CA SER A 880 -16.02 10.87 -10.41
C SER A 880 -17.21 11.81 -10.56
N ILE A 881 -18.11 11.44 -11.47
CA ILE A 881 -19.38 12.15 -11.64
C ILE A 881 -20.35 11.84 -10.48
N LEU A 882 -20.42 10.58 -10.11
CA LEU A 882 -21.26 10.13 -9.01
C LEU A 882 -20.79 10.74 -7.70
N GLY A 883 -19.48 10.84 -7.50
CA GLY A 883 -18.96 11.40 -6.27
C GLY A 883 -19.18 12.89 -6.15
N MET A 884 -19.47 13.54 -7.27
CA MET A 884 -19.79 14.96 -7.19
C MET A 884 -21.19 15.17 -6.64
N HIS A 885 -22.09 14.30 -7.02
CA HIS A 885 -23.46 14.39 -6.55
C HIS A 885 -23.68 14.11 -5.06
N LEU A 886 -22.95 13.16 -4.50
CA LEU A 886 -23.20 12.71 -3.12
C LEU A 886 -22.61 13.67 -2.11
N PHE A 887 -21.30 13.82 -2.12
CA PHE A 887 -20.59 14.76 -1.28
C PHE A 887 -19.80 15.69 -2.16
N GLY A 888 -20.48 16.70 -2.68
CA GLY A 888 -19.82 17.63 -3.57
C GLY A 888 -19.23 18.79 -2.82
N CYS A 889 -20.06 19.50 -2.07
CA CYS A 889 -19.59 20.63 -1.30
C CYS A 889 -19.75 20.42 0.20
N LYS A 890 -19.71 19.18 0.67
CA LYS A 890 -19.90 18.93 2.09
C LYS A 890 -18.59 18.98 2.85
N PHE A 891 -17.49 18.65 2.19
CA PHE A 891 -16.24 18.38 2.90
C PHE A 891 -15.66 19.67 3.46
N ALA A 892 -15.21 19.59 4.72
CA ALA A 892 -14.65 20.71 5.51
C ALA A 892 -15.63 21.87 5.60
N LEU A 900 -11.33 26.69 4.64
CA LEU A 900 -10.96 26.19 3.33
C LEU A 900 -11.16 24.67 3.25
N PRO A 901 -11.58 24.21 2.08
CA PRO A 901 -11.84 22.78 1.85
C PRO A 901 -10.58 21.93 1.78
N ASP A 902 -10.75 20.63 2.03
CA ASP A 902 -9.66 19.66 1.99
C ASP A 902 -9.19 19.51 0.55
N ARG A 903 -7.90 19.23 0.36
CA ARG A 903 -7.36 19.08 -0.98
C ARG A 903 -8.04 17.94 -1.73
N LYS A 904 -8.31 16.83 -1.05
CA LYS A 904 -9.01 15.71 -1.67
C LYS A 904 -10.51 15.91 -1.51
N ASN A 905 -11.07 16.74 -2.38
CA ASN A 905 -12.49 17.05 -2.34
C ASN A 905 -13.13 16.76 -3.68
N PHE A 906 -14.44 16.58 -3.66
CA PHE A 906 -15.16 16.10 -4.82
C PHE A 906 -15.91 17.17 -5.59
N ASP A 907 -15.74 18.43 -5.18
CA ASP A 907 -16.40 19.59 -5.84
C ASP A 907 -15.96 19.67 -7.31
N SER A 908 -15.03 20.58 -7.61
CA SER A 908 -14.52 20.76 -9.00
C SER A 908 -14.18 19.40 -9.60
N LEU A 909 -14.59 19.16 -10.85
CA LEU A 909 -14.31 17.87 -11.53
C LEU A 909 -12.81 17.55 -11.52
N LEU A 910 -11.97 18.45 -12.02
CA LEU A 910 -10.54 18.17 -12.07
C LEU A 910 -10.03 17.63 -10.75
N TRP A 911 -10.58 18.08 -9.62
CA TRP A 911 -10.13 17.50 -8.36
C TRP A 911 -11.01 16.36 -7.92
N ALA A 912 -11.99 15.96 -8.71
CA ALA A 912 -12.68 14.72 -8.44
C ALA A 912 -12.06 13.54 -9.15
N ILE A 913 -11.48 13.76 -10.32
CA ILE A 913 -10.85 12.64 -11.02
C ILE A 913 -9.49 12.33 -10.42
N VAL A 914 -8.84 13.32 -9.81
CA VAL A 914 -7.61 13.07 -9.08
C VAL A 914 -7.90 12.29 -7.80
N THR A 915 -9.01 12.59 -7.13
CA THR A 915 -9.38 11.87 -5.91
C THR A 915 -9.81 10.44 -6.21
N VAL A 916 -10.49 10.21 -7.32
CA VAL A 916 -10.87 8.86 -7.67
C VAL A 916 -9.69 8.07 -8.23
N PHE A 917 -8.75 8.75 -8.88
CA PHE A 917 -7.51 8.05 -9.23
C PHE A 917 -6.70 7.74 -7.98
N GLN A 918 -6.80 8.58 -6.96
CA GLN A 918 -6.06 8.38 -5.74
C GLN A 918 -6.50 7.12 -5.00
N ILE A 919 -7.81 6.93 -4.86
CA ILE A 919 -8.34 5.74 -4.20
C ILE A 919 -8.00 4.49 -4.99
N LEU A 920 -7.85 4.57 -6.30
CA LEU A 920 -7.45 3.39 -7.05
C LEU A 920 -5.96 3.06 -6.90
N THR A 921 -5.15 3.96 -6.38
CA THR A 921 -3.81 3.62 -5.95
C THR A 921 -3.75 3.42 -4.45
N GLN A 922 -4.89 3.51 -3.77
CA GLN A 922 -5.12 3.22 -2.36
C GLN A 922 -4.36 4.11 -1.41
N GLU A 923 -3.75 5.17 -1.89
CA GLU A 923 -2.93 6.04 -1.06
C GLU A 923 -3.82 7.04 -0.36
N ASP A 924 -3.95 6.88 0.96
CA ASP A 924 -4.85 7.66 1.81
C ASP A 924 -6.26 7.69 1.26
N TRP A 925 -6.75 6.52 0.84
CA TRP A 925 -8.16 6.44 0.52
C TRP A 925 -9.00 6.55 1.77
N ASN A 926 -8.41 6.29 2.93
CA ASN A 926 -9.16 6.31 4.16
C ASN A 926 -9.31 7.69 4.75
N LYS A 927 -8.46 8.64 4.38
CA LYS A 927 -8.70 9.99 4.86
C LYS A 927 -9.88 10.61 4.16
N VAL A 928 -10.19 10.13 2.96
CA VAL A 928 -11.37 10.57 2.23
C VAL A 928 -12.60 9.84 2.75
N LEU A 929 -12.45 8.61 3.24
CA LEU A 929 -13.57 7.88 3.83
C LEU A 929 -14.14 8.56 5.06
N TYR A 930 -13.30 9.20 5.85
CA TYR A 930 -13.77 9.73 7.12
C TYR A 930 -14.45 11.07 6.93
N ASN A 931 -14.08 11.79 5.88
CA ASN A 931 -14.86 12.93 5.45
C ASN A 931 -16.13 12.49 4.76
N GLY A 932 -16.09 11.36 4.05
CA GLY A 932 -17.27 10.88 3.37
C GLY A 932 -18.31 10.36 4.33
N MET A 933 -17.89 9.60 5.34
CA MET A 933 -18.83 9.02 6.29
C MET A 933 -19.40 10.06 7.23
N ALA A 934 -18.62 11.05 7.64
CA ALA A 934 -19.12 12.02 8.60
C ALA A 934 -19.93 13.14 7.97
N SER A 935 -19.97 13.25 6.65
CA SER A 935 -20.69 14.34 6.02
C SER A 935 -22.05 13.94 5.50
N THR A 936 -22.16 12.79 4.84
CA THR A 936 -23.47 12.32 4.44
C THR A 936 -24.08 11.41 5.50
N SER A 937 -23.49 10.22 5.67
CA SER A 937 -23.98 9.21 6.60
C SER A 937 -22.94 8.11 6.65
N SER A 938 -23.09 7.22 7.63
CA SER A 938 -22.17 6.09 7.73
C SER A 938 -22.43 5.01 6.71
N TRP A 939 -23.44 5.17 5.87
CA TRP A 939 -23.65 4.27 4.76
C TRP A 939 -22.90 4.70 3.53
N ALA A 940 -22.06 5.71 3.63
CA ALA A 940 -21.27 6.12 2.49
C ALA A 940 -20.00 5.31 2.32
N ALA A 941 -19.80 4.26 3.11
CA ALA A 941 -18.69 3.37 2.86
C ALA A 941 -18.92 2.51 1.64
N LEU A 942 -20.15 2.33 1.20
CA LEU A 942 -20.43 1.50 0.03
C LEU A 942 -20.00 2.17 -1.25
N TYR A 943 -19.80 3.48 -1.26
CA TYR A 943 -19.21 4.13 -2.42
C TYR A 943 -17.75 3.76 -2.56
N PHE A 944 -17.05 3.66 -1.44
CA PHE A 944 -15.64 3.34 -1.42
C PHE A 944 -15.37 1.85 -1.44
N ILE A 945 -16.28 1.03 -0.93
CA ILE A 945 -16.15 -0.40 -1.10
C ILE A 945 -16.34 -0.77 -2.55
N ALA A 946 -17.28 -0.12 -3.24
CA ALA A 946 -17.53 -0.47 -4.64
C ALA A 946 -16.52 0.15 -5.59
N LEU A 947 -15.82 1.22 -5.20
CA LEU A 947 -14.79 1.78 -6.06
C LEU A 947 -13.48 1.02 -5.93
N MET A 948 -13.18 0.55 -4.73
CA MET A 948 -11.95 -0.21 -4.51
C MET A 948 -12.06 -1.63 -5.02
N THR A 949 -13.25 -2.24 -4.89
CA THR A 949 -13.42 -3.62 -5.34
C THR A 949 -13.47 -3.70 -6.86
N PHE A 950 -14.37 -2.95 -7.47
CA PHE A 950 -14.51 -3.09 -8.92
C PHE A 950 -13.39 -2.38 -9.66
N GLY A 951 -12.69 -1.47 -9.01
CA GLY A 951 -11.49 -0.92 -9.61
C GLY A 951 -10.34 -1.91 -9.61
N ASN A 952 -10.27 -2.72 -8.56
CA ASN A 952 -9.24 -3.72 -8.47
C ASN A 952 -9.62 -4.99 -9.20
N TYR A 953 -10.90 -5.17 -9.50
CA TYR A 953 -11.30 -6.36 -10.25
C TYR A 953 -10.97 -6.20 -11.73
N VAL A 954 -11.11 -4.98 -12.27
CA VAL A 954 -10.72 -4.74 -13.65
C VAL A 954 -9.22 -4.55 -13.81
N LEU A 955 -8.47 -4.46 -12.71
CA LEU A 955 -7.03 -4.45 -12.80
C LEU A 955 -6.42 -5.83 -12.67
N PHE A 956 -7.12 -6.76 -12.01
CA PHE A 956 -6.64 -8.13 -12.01
C PHE A 956 -6.86 -8.82 -13.33
N ASN A 957 -7.89 -8.40 -14.05
CA ASN A 957 -8.18 -8.94 -15.37
C ASN A 957 -7.06 -8.57 -16.31
N LEU A 958 -6.54 -7.36 -16.14
CA LEU A 958 -5.47 -6.86 -16.99
C LEU A 958 -4.24 -7.73 -16.88
N LEU A 959 -3.88 -8.14 -15.67
CA LEU A 959 -2.71 -8.99 -15.53
C LEU A 959 -2.94 -10.29 -16.26
N VAL A 960 -4.12 -10.87 -16.08
CA VAL A 960 -4.46 -12.13 -16.72
C VAL A 960 -4.52 -12.05 -18.24
N ALA A 961 -5.08 -10.97 -18.76
CA ALA A 961 -5.16 -10.84 -20.21
C ALA A 961 -3.78 -10.79 -20.83
N ILE A 962 -2.89 -10.03 -20.21
CA ILE A 962 -1.53 -9.94 -20.69
C ILE A 962 -0.81 -11.28 -20.53
N LEU A 963 -1.05 -11.92 -19.40
CA LEU A 963 -0.44 -13.19 -19.06
C LEU A 963 -0.82 -14.31 -20.02
N VAL A 964 -2.10 -14.35 -20.41
CA VAL A 964 -2.58 -15.35 -21.33
C VAL A 964 -1.94 -15.20 -22.70
N GLU A 965 -1.75 -13.97 -23.14
CA GLU A 965 -1.15 -13.73 -24.45
C GLU A 965 0.25 -14.31 -24.44
N GLY A 966 0.98 -14.11 -23.35
CA GLY A 966 2.31 -14.69 -23.24
C GLY A 966 2.31 -16.20 -23.38
N PHE A 967 1.24 -16.86 -22.93
CA PHE A 967 1.12 -18.31 -23.04
C PHE A 967 0.80 -18.76 -24.45
N GLN A 968 0.46 -17.83 -25.34
CA GLN A 968 0.27 -18.14 -26.76
C GLN A 968 1.34 -17.50 -27.62
N ALA A 969 2.60 -17.66 -27.27
CA ALA A 969 3.72 -17.28 -28.11
C ALA A 969 4.93 -18.18 -27.85
N LYS A 1253 28.39 -36.54 6.92
CA LYS A 1253 27.34 -37.24 7.65
C LYS A 1253 26.35 -36.25 8.29
N MET A 1254 26.48 -36.07 9.59
CA MET A 1254 25.63 -35.17 10.37
C MET A 1254 26.29 -33.82 10.63
N PHE A 1255 27.40 -33.56 9.95
CA PHE A 1255 28.16 -32.33 10.13
C PHE A 1255 27.36 -31.08 9.77
N ASP A 1256 26.60 -31.12 8.69
CA ASP A 1256 25.82 -29.94 8.32
C ASP A 1256 24.77 -29.60 9.36
N HIS A 1257 24.06 -30.61 9.86
CA HIS A 1257 23.04 -30.39 10.88
C HIS A 1257 23.59 -29.91 12.22
N VAL A 1258 24.69 -30.50 12.67
CA VAL A 1258 25.28 -30.12 13.95
C VAL A 1258 25.75 -28.67 14.00
N VAL A 1259 26.36 -28.21 12.92
CA VAL A 1259 26.87 -26.85 12.85
C VAL A 1259 25.71 -25.86 12.72
N LEU A 1260 24.56 -26.35 12.30
CA LEU A 1260 23.38 -25.50 12.15
C LEU A 1260 22.79 -25.15 13.50
N VAL A 1261 22.92 -26.05 14.47
CA VAL A 1261 22.43 -25.78 15.81
C VAL A 1261 23.35 -24.80 16.54
N ILE A 1262 24.55 -24.58 16.03
CA ILE A 1262 25.43 -23.56 16.58
C ILE A 1262 25.06 -22.18 16.05
N ILE A 1263 24.55 -22.10 14.81
CA ILE A 1263 24.16 -20.81 14.27
C ILE A 1263 22.86 -20.32 14.89
N PHE A 1264 21.89 -21.21 15.07
CA PHE A 1264 20.64 -20.83 15.72
C PHE A 1264 20.86 -20.44 17.18
N LEU A 1265 21.88 -20.98 17.82
CA LEU A 1265 22.22 -20.51 19.15
C LEU A 1265 22.99 -19.20 19.06
N ASN A 1266 23.68 -19.00 17.94
CA ASN A 1266 24.42 -17.78 17.67
C ASN A 1266 23.46 -16.60 17.53
N CYS A 1267 22.31 -16.85 16.93
CA CYS A 1267 21.30 -15.84 16.69
C CYS A 1267 20.77 -15.23 17.99
N ILE A 1268 20.64 -16.03 19.02
CA ILE A 1268 20.10 -15.54 20.28
C ILE A 1268 20.95 -14.41 20.85
N THR A 1269 22.28 -14.52 20.78
CA THR A 1269 23.11 -13.41 21.26
C THR A 1269 22.90 -12.16 20.41
N ILE A 1270 22.75 -12.34 19.09
CA ILE A 1270 22.52 -11.20 18.20
C ILE A 1270 21.21 -10.52 18.55
N ALA A 1271 20.18 -11.33 18.80
CA ALA A 1271 18.85 -10.87 19.16
C ALA A 1271 18.83 -10.13 20.49
N MET A 1272 19.60 -10.63 21.44
CA MET A 1272 19.66 -10.06 22.78
C MET A 1272 20.15 -8.61 22.86
N GLU A 1273 21.09 -8.25 21.99
CA GLU A 1273 21.69 -6.93 22.01
C GLU A 1273 20.70 -5.76 21.84
N ARG A 1274 20.92 -4.73 22.65
CA ARG A 1274 20.13 -3.51 22.70
C ARG A 1274 20.98 -2.42 23.33
N PRO A 1275 20.67 -1.14 23.08
CA PRO A 1275 21.52 -0.08 23.64
C PRO A 1275 21.42 0.11 25.15
N LYS A 1276 20.36 -0.34 25.80
CA LYS A 1276 20.20 -0.09 27.23
C LYS A 1276 20.80 -1.26 28.02
N ILE A 1277 22.11 -1.43 27.85
CA ILE A 1277 22.88 -2.46 28.52
C ILE A 1277 24.00 -1.80 29.29
N ASP A 1278 24.03 -2.03 30.60
CA ASP A 1278 25.11 -1.56 31.45
C ASP A 1278 26.41 -2.22 31.03
N PRO A 1279 27.53 -1.50 31.00
CA PRO A 1279 28.78 -2.14 30.57
C PRO A 1279 29.34 -3.15 31.56
N HIS A 1280 28.84 -3.18 32.79
CA HIS A 1280 29.45 -4.05 33.78
C HIS A 1280 28.51 -5.17 34.24
N SER A 1281 27.26 -5.17 33.81
CA SER A 1281 26.31 -6.17 34.28
C SER A 1281 26.48 -7.49 33.53
N ALA A 1282 25.71 -8.49 33.97
CA ALA A 1282 25.91 -9.85 33.51
C ALA A 1282 25.40 -10.06 32.09
N GLU A 1283 24.51 -9.20 31.62
CA GLU A 1283 24.11 -9.28 30.22
C GLU A 1283 25.24 -8.82 29.32
N ARG A 1284 25.99 -7.82 29.77
CA ARG A 1284 27.17 -7.35 29.06
C ARG A 1284 28.35 -8.35 29.06
N ILE A 1285 28.59 -8.98 30.22
CA ILE A 1285 29.69 -9.92 30.42
C ILE A 1285 29.42 -11.21 29.68
N PHE A 1286 28.16 -11.60 29.57
CA PHE A 1286 27.84 -12.77 28.75
C PHE A 1286 28.02 -12.51 27.26
N LEU A 1287 27.72 -11.30 26.79
CA LEU A 1287 27.80 -11.05 25.36
C LEU A 1287 29.24 -10.89 24.88
N THR A 1288 30.16 -10.47 25.73
CA THR A 1288 31.55 -10.35 25.29
C THR A 1288 32.21 -11.71 25.16
N LEU A 1289 32.03 -12.57 26.16
CA LEU A 1289 32.65 -13.88 26.11
C LEU A 1289 31.75 -14.94 25.47
N SER A 1290 30.65 -14.55 24.86
CA SER A 1290 30.04 -15.45 23.88
C SER A 1290 30.52 -15.11 22.49
N ASN A 1291 31.02 -13.89 22.32
CA ASN A 1291 31.68 -13.52 21.07
C ASN A 1291 32.97 -14.29 20.88
N TYR A 1292 33.75 -14.44 21.95
CA TYR A 1292 34.99 -15.18 21.83
C TYR A 1292 34.77 -16.64 21.50
N ILE A 1293 33.82 -17.26 22.20
CA ILE A 1293 33.54 -18.68 21.98
C ILE A 1293 32.99 -19.03 20.61
N PHE A 1294 32.03 -18.26 20.13
CA PHE A 1294 31.44 -18.55 18.82
C PHE A 1294 32.44 -18.36 17.69
N THR A 1295 33.24 -17.32 17.77
CA THR A 1295 34.24 -17.07 16.74
C THR A 1295 35.24 -18.19 16.70
N ALA A 1296 35.67 -18.64 17.87
CA ALA A 1296 36.63 -19.72 17.96
C ALA A 1296 36.06 -21.00 17.38
N VAL A 1297 34.82 -21.31 17.71
CA VAL A 1297 34.20 -22.53 17.20
C VAL A 1297 34.09 -22.49 15.69
N PHE A 1298 33.65 -21.34 15.16
CA PHE A 1298 33.52 -21.20 13.73
C PHE A 1298 34.88 -21.25 13.06
N LEU A 1299 35.88 -20.64 13.70
CA LEU A 1299 37.23 -20.63 13.16
C LEU A 1299 37.78 -22.04 13.08
N ALA A 1300 37.51 -22.84 14.10
CA ALA A 1300 37.93 -24.24 14.13
C ALA A 1300 37.25 -25.00 13.00
N GLU A 1301 35.96 -24.70 12.81
CA GLU A 1301 35.17 -25.34 11.77
C GLU A 1301 35.72 -25.02 10.39
N MET A 1302 36.18 -23.78 10.18
CA MET A 1302 36.72 -23.41 8.88
C MET A 1302 37.96 -24.20 8.48
N THR A 1303 38.89 -24.43 9.40
CA THR A 1303 40.09 -25.17 9.06
C THR A 1303 39.75 -26.59 8.66
N VAL A 1304 38.85 -27.21 9.40
CA VAL A 1304 38.45 -28.58 9.10
C VAL A 1304 38.07 -28.72 7.64
N LYS A 1305 37.36 -27.74 7.09
CA LYS A 1305 37.00 -27.84 5.69
C LYS A 1305 38.12 -27.47 4.74
N VAL A 1306 39.25 -26.95 5.23
CA VAL A 1306 40.30 -26.54 4.32
C VAL A 1306 41.58 -27.37 4.46
N VAL A 1307 41.79 -28.04 5.60
CA VAL A 1307 42.85 -29.04 5.63
C VAL A 1307 42.39 -30.35 5.04
N ALA A 1308 41.11 -30.50 4.75
CA ALA A 1308 40.58 -31.73 4.16
C ALA A 1308 40.24 -31.58 2.69
N LEU A 1309 39.71 -30.42 2.30
CA LEU A 1309 39.35 -30.12 0.92
C LEU A 1309 40.34 -29.26 0.13
N GLY A 1310 41.28 -28.62 0.82
CA GLY A 1310 42.25 -27.77 0.17
C GLY A 1310 41.66 -26.54 -0.47
N SER A 1321 31.88 -22.89 -4.58
CA SER A 1321 32.89 -22.17 -3.81
C SER A 1321 32.42 -20.77 -3.43
N SER A 1322 31.36 -20.29 -4.06
CA SER A 1322 30.84 -18.97 -3.77
C SER A 1322 30.39 -18.87 -2.33
N TRP A 1323 29.73 -19.92 -1.84
CA TRP A 1323 29.24 -19.91 -0.47
C TRP A 1323 30.36 -19.84 0.56
N ASN A 1324 31.46 -20.55 0.31
CA ASN A 1324 32.58 -20.59 1.24
C ASN A 1324 33.24 -19.24 1.48
N VAL A 1325 33.39 -18.46 0.43
CA VAL A 1325 34.02 -17.16 0.53
C VAL A 1325 33.24 -16.28 1.50
N LEU A 1326 31.91 -16.34 1.40
CA LEU A 1326 31.07 -15.55 2.30
C LEU A 1326 31.29 -16.02 3.72
N ASP A 1327 31.35 -17.34 3.92
CA ASP A 1327 31.60 -17.89 5.24
C ASP A 1327 33.00 -17.50 5.69
N GLY A 1328 33.94 -17.57 4.76
CA GLY A 1328 35.33 -17.22 5.05
C GLY A 1328 35.52 -15.77 5.42
N LEU A 1329 34.84 -14.88 4.72
CA LEU A 1329 34.95 -13.46 5.01
C LEU A 1329 34.46 -13.13 6.41
N LEU A 1330 33.34 -13.73 6.78
CA LEU A 1330 32.71 -13.48 8.07
C LEU A 1330 33.59 -13.85 9.24
N VAL A 1331 34.28 -14.99 9.14
CA VAL A 1331 35.17 -15.40 10.21
C VAL A 1331 36.31 -14.38 10.37
N LEU A 1332 36.84 -13.91 9.25
CA LEU A 1332 37.92 -12.95 9.27
C LEU A 1332 37.48 -11.64 9.91
N ILE A 1333 36.28 -11.20 9.60
CA ILE A 1333 35.76 -9.96 10.17
C ILE A 1333 35.65 -10.06 11.68
N SER A 1334 35.17 -11.21 12.15
CA SER A 1334 35.04 -11.46 13.58
C SER A 1334 36.40 -11.45 14.24
N VAL A 1335 37.39 -12.05 13.59
CA VAL A 1335 38.75 -12.09 14.12
C VAL A 1335 39.32 -10.68 14.25
N ILE A 1336 39.06 -9.87 13.23
CA ILE A 1336 39.51 -8.49 13.21
C ILE A 1336 38.86 -7.68 14.33
N ASP A 1337 37.58 -7.95 14.60
CA ASP A 1337 36.86 -7.22 15.61
C ASP A 1337 37.48 -7.36 16.99
N ILE A 1338 37.92 -8.56 17.35
CA ILE A 1338 38.57 -8.76 18.64
C ILE A 1338 39.88 -7.98 18.74
N LEU A 1339 40.63 -7.93 17.64
CA LEU A 1339 41.91 -7.25 17.61
C LEU A 1339 41.81 -5.74 17.42
N VAL A 1340 40.60 -5.19 17.32
CA VAL A 1340 40.41 -3.78 17.63
C VAL A 1340 39.75 -3.63 19.01
N SER A 1341 38.93 -4.60 19.43
CA SER A 1341 38.34 -4.55 20.75
C SER A 1341 39.37 -4.75 21.85
N MET A 1342 40.44 -5.48 21.55
CA MET A 1342 41.54 -5.59 22.48
C MET A 1342 42.30 -4.26 22.56
N VAL A 1343 42.40 -3.57 21.41
CA VAL A 1343 43.19 -2.35 21.25
C VAL A 1343 42.39 -1.11 21.59
N SER A 1344 41.30 -1.29 22.34
CA SER A 1344 40.43 -0.18 22.73
C SER A 1344 41.16 0.88 23.52
N ASP A 1345 42.07 0.48 24.39
CA ASP A 1345 42.83 1.44 25.19
C ASP A 1345 43.65 2.35 24.29
N SER A 1346 44.27 1.78 23.26
CA SER A 1346 45.07 2.56 22.31
C SER A 1346 44.18 3.23 21.28
N ILE A 1350 39.94 3.95 14.57
CA ILE A 1350 39.72 3.56 15.96
C ILE A 1350 38.24 3.30 16.18
N LEU A 1351 37.52 4.30 16.68
CA LEU A 1351 36.09 4.18 16.92
C LEU A 1351 35.34 3.96 15.61
N GLY A 1352 35.79 4.65 14.57
CA GLY A 1352 35.17 4.55 13.25
C GLY A 1352 35.26 3.17 12.64
N MET A 1353 36.42 2.53 12.77
CA MET A 1353 36.59 1.18 12.23
C MET A 1353 35.67 0.20 12.93
N LEU A 1354 35.55 0.36 14.25
CA LEU A 1354 34.70 -0.50 15.05
C LEU A 1354 33.24 -0.40 14.66
N ARG A 1355 32.75 0.80 14.40
CA ARG A 1355 31.36 0.96 14.02
C ARG A 1355 31.04 0.26 12.72
N VAL A 1356 31.96 0.33 11.75
CA VAL A 1356 31.76 -0.33 10.47
C VAL A 1356 31.71 -1.84 10.65
N LEU A 1357 32.56 -2.35 11.53
CA LEU A 1357 32.62 -3.76 11.83
C LEU A 1357 31.33 -4.29 12.45
N ARG A 1358 30.73 -3.49 13.33
CA ARG A 1358 29.51 -3.90 13.99
C ARG A 1358 28.38 -4.12 13.00
N LEU A 1359 28.24 -3.25 12.02
CA LEU A 1359 27.21 -3.42 11.01
C LEU A 1359 27.50 -4.69 10.21
N LEU A 1360 28.75 -4.88 9.85
CA LEU A 1360 29.15 -6.06 9.10
C LEU A 1360 28.93 -7.35 9.89
N ARG A 1361 29.06 -7.24 11.20
CA ARG A 1361 28.92 -8.36 12.11
C ARG A 1361 27.47 -8.84 12.23
N THR A 1362 26.54 -8.07 11.68
CA THR A 1362 25.12 -8.44 11.70
C THR A 1362 24.71 -9.33 10.52
N LEU A 1363 25.67 -9.67 9.67
CA LEU A 1363 25.47 -10.52 8.51
C LEU A 1363 25.73 -11.99 8.82
N ARG A 1364 25.90 -12.31 10.09
CA ARG A 1364 26.16 -13.67 10.56
C ARG A 1364 25.06 -14.66 10.20
N PRO A 1365 23.82 -14.19 10.21
CA PRO A 1365 22.65 -15.02 9.89
C PRO A 1365 22.62 -15.59 8.46
N LEU A 1366 23.30 -14.96 7.51
CA LEU A 1366 23.35 -15.40 6.12
C LEU A 1366 23.93 -16.79 5.88
N ARG A 1367 24.70 -17.26 6.87
CA ARG A 1367 25.38 -18.55 6.88
C ARG A 1367 24.40 -19.70 6.81
N VAL A 1368 23.19 -19.46 7.33
CA VAL A 1368 22.13 -20.46 7.35
C VAL A 1368 21.74 -20.94 5.96
N ILE A 1369 21.75 -20.05 4.98
CA ILE A 1369 21.39 -20.39 3.63
C ILE A 1369 22.32 -21.46 3.06
N SER A 1370 23.61 -21.35 3.35
CA SER A 1370 24.56 -22.33 2.84
C SER A 1370 24.33 -23.74 3.39
N ARG A 1371 24.06 -23.84 4.68
CA ARG A 1371 23.83 -25.12 5.34
C ARG A 1371 22.59 -25.93 4.93
N ALA A 1372 21.47 -25.26 4.72
CA ALA A 1372 20.24 -25.97 4.37
C ALA A 1372 20.06 -26.14 2.87
N GLN A 1373 19.98 -27.39 2.43
CA GLN A 1373 19.83 -27.68 1.01
C GLN A 1373 18.53 -27.18 0.40
N GLY A 1374 17.41 -27.35 1.09
CA GLY A 1374 16.15 -26.90 0.54
C GLY A 1374 16.15 -25.39 0.38
N LEU A 1375 16.60 -24.69 1.42
CA LEU A 1375 16.67 -23.24 1.41
C LEU A 1375 17.69 -22.72 0.40
N LYS A 1376 18.81 -23.41 0.30
CA LYS A 1376 19.88 -23.03 -0.61
C LYS A 1376 19.43 -23.04 -2.05
N LEU A 1377 18.65 -24.04 -2.43
CA LEU A 1377 18.16 -24.12 -3.81
C LEU A 1377 17.27 -22.95 -4.16
N VAL A 1378 16.42 -22.55 -3.22
CA VAL A 1378 15.51 -21.43 -3.46
C VAL A 1378 16.27 -20.13 -3.72
N VAL A 1379 17.32 -19.86 -2.97
CA VAL A 1379 18.08 -18.63 -3.19
C VAL A 1379 18.70 -18.59 -4.57
N GLU A 1380 19.28 -19.70 -5.01
CA GLU A 1380 19.89 -19.78 -6.33
C GLU A 1380 18.85 -19.61 -7.42
N THR A 1381 17.69 -20.20 -7.17
CA THR A 1381 16.56 -20.20 -8.10
C THR A 1381 16.04 -18.81 -8.39
N LEU A 1382 16.00 -17.95 -7.39
CA LEU A 1382 15.51 -16.59 -7.59
C LEU A 1382 16.38 -15.84 -8.60
N MET A 1383 17.70 -16.02 -8.51
CA MET A 1383 18.60 -15.36 -9.43
C MET A 1383 18.34 -15.81 -10.86
N SER A 1384 18.17 -17.10 -11.08
CA SER A 1384 17.90 -17.59 -12.42
C SER A 1384 16.57 -17.06 -12.94
N SER A 1385 15.57 -17.01 -12.07
CA SER A 1385 14.26 -16.50 -12.40
C SER A 1385 14.31 -15.04 -12.81
N LEU A 1386 15.22 -14.32 -12.17
CA LEU A 1386 15.45 -12.90 -12.39
C LEU A 1386 15.94 -12.49 -13.78
N LYS A 1387 16.71 -13.35 -14.43
CA LYS A 1387 17.32 -13.04 -15.72
C LYS A 1387 16.40 -12.67 -16.90
N PRO A 1388 15.27 -13.35 -17.07
CA PRO A 1388 14.40 -13.05 -18.22
C PRO A 1388 13.90 -11.61 -18.20
N ILE A 1389 13.53 -11.12 -17.03
CA ILE A 1389 13.04 -9.74 -16.90
C ILE A 1389 14.15 -8.77 -16.52
N GLY A 1390 15.38 -9.23 -16.49
CA GLY A 1390 16.51 -8.40 -16.14
C GLY A 1390 16.70 -7.25 -17.12
N ASN A 1391 16.49 -7.53 -18.40
CA ASN A 1391 16.64 -6.53 -19.44
C ASN A 1391 15.68 -5.35 -19.30
N ILE A 1392 14.44 -5.67 -18.97
CA ILE A 1392 13.38 -4.69 -18.79
C ILE A 1392 13.72 -3.77 -17.64
N VAL A 1393 14.43 -4.30 -16.65
CA VAL A 1393 14.83 -3.49 -15.51
C VAL A 1393 15.72 -2.34 -15.94
N VAL A 1394 16.63 -2.58 -16.88
CA VAL A 1394 17.50 -1.52 -17.37
C VAL A 1394 16.67 -0.41 -18.02
N ILE A 1395 15.65 -0.79 -18.79
CA ILE A 1395 14.78 0.20 -19.41
C ILE A 1395 14.03 0.95 -18.32
N CYS A 1396 13.57 0.22 -17.31
CA CYS A 1396 12.87 0.83 -16.18
C CYS A 1396 13.83 1.74 -15.43
N CYS A 1397 15.06 1.28 -15.26
CA CYS A 1397 16.10 2.07 -14.59
C CYS A 1397 16.41 3.34 -15.35
N ALA A 1398 16.42 3.25 -16.68
CA ALA A 1398 16.70 4.39 -17.53
C ALA A 1398 15.65 5.48 -17.33
N PHE A 1399 14.39 5.07 -17.20
CA PHE A 1399 13.30 6.01 -16.99
C PHE A 1399 13.43 6.78 -15.69
N PHE A 1400 13.89 6.13 -14.63
CA PHE A 1400 14.07 6.82 -13.36
C PHE A 1400 15.07 7.96 -13.50
N ILE A 1401 16.16 7.72 -14.21
CA ILE A 1401 17.17 8.74 -14.44
C ILE A 1401 16.67 9.92 -15.29
N ILE A 1402 15.88 9.64 -16.32
CA ILE A 1402 15.31 10.68 -17.18
C ILE A 1402 14.32 11.54 -16.41
N PHE A 1403 13.36 10.92 -15.73
CA PHE A 1403 12.50 11.67 -14.83
C PHE A 1403 13.25 12.22 -13.63
N GLY A 1404 14.38 11.60 -13.26
CA GLY A 1404 15.17 12.17 -12.19
C GLY A 1404 15.84 13.45 -12.60
N ILE A 1405 16.33 13.53 -13.83
CA ILE A 1405 16.94 14.75 -14.33
C ILE A 1405 15.89 15.78 -14.68
N LEU A 1406 14.82 15.34 -15.33
CA LEU A 1406 13.73 16.21 -15.71
C LEU A 1406 13.10 16.77 -14.45
N GLY A 1407 12.96 15.94 -13.44
CA GLY A 1407 12.38 16.36 -12.19
C GLY A 1407 13.22 17.42 -11.51
N VAL A 1408 14.54 17.26 -11.59
CA VAL A 1408 15.45 18.22 -10.97
C VAL A 1408 15.35 19.61 -11.57
N GLN A 1409 15.22 19.67 -12.89
CA GLN A 1409 15.12 20.95 -13.58
C GLN A 1409 13.89 21.73 -13.19
N LEU A 1410 12.76 21.05 -13.06
CA LEU A 1410 11.52 21.71 -12.71
C LEU A 1410 11.47 22.35 -11.33
N PHE A 1411 11.98 21.68 -10.29
CA PHE A 1411 11.94 22.28 -8.94
C PHE A 1411 13.26 22.27 -8.16
N LYS A 1412 14.26 23.00 -8.64
CA LYS A 1412 15.53 23.07 -7.91
C LYS A 1412 15.53 23.82 -6.57
N GLY A 1413 14.90 24.99 -6.50
CA GLY A 1413 14.87 25.76 -5.27
C GLY A 1413 13.48 25.87 -4.70
N LYS A 1414 12.61 25.00 -5.17
CA LYS A 1414 11.19 25.24 -5.09
C LYS A 1414 10.61 24.74 -3.77
N PHE A 1415 11.20 23.68 -3.22
CA PHE A 1415 10.62 23.00 -2.05
C PHE A 1415 11.25 23.58 -0.79
N PHE A 1416 10.95 24.85 -0.56
CA PHE A 1416 11.43 25.49 0.64
C PHE A 1416 10.17 26.05 1.22
N VAL A 1417 9.72 25.40 2.26
CA VAL A 1417 8.53 25.79 2.94
C VAL A 1417 8.97 26.10 4.33
N CYS A 1418 8.51 27.25 4.79
CA CYS A 1418 8.84 27.74 6.11
C CYS A 1418 7.72 27.49 7.08
N GLN A 1419 8.11 26.88 8.20
CA GLN A 1419 7.20 26.47 9.25
C GLN A 1419 7.13 27.41 10.43
N GLY A 1420 5.90 27.76 10.75
CA GLY A 1420 5.61 28.64 11.85
C GLY A 1420 4.20 28.35 12.27
N GLU A 1421 3.67 29.18 13.16
CA GLU A 1421 2.27 29.03 13.52
C GLU A 1421 1.38 29.87 12.61
N ASP A 1422 1.93 30.95 12.04
CA ASP A 1422 1.12 31.84 11.21
C ASP A 1422 0.99 31.34 9.78
N THR A 1423 2.11 31.36 9.03
CA THR A 1423 2.19 31.04 7.60
C THR A 1423 1.11 31.76 6.79
N ARG A 1424 1.09 33.08 6.92
CA ARG A 1424 0.22 33.95 6.15
C ARG A 1424 0.84 35.32 6.20
N ASN A 1425 0.56 36.14 5.19
CA ASN A 1425 1.32 37.36 4.89
C ASN A 1425 2.82 37.08 4.76
N ILE A 1426 3.16 35.90 4.28
CA ILE A 1426 4.57 35.56 4.07
C ILE A 1426 4.77 35.08 2.64
N THR A 1427 5.72 35.67 1.93
CA THR A 1427 6.01 35.27 0.56
C THR A 1427 7.46 34.89 0.31
N ASN A 1428 8.41 35.33 1.13
CA ASN A 1428 9.82 35.11 0.83
C ASN A 1428 10.58 34.62 2.04
N LYS A 1429 11.80 34.14 1.79
CA LYS A 1429 12.78 33.98 2.86
C LYS A 1429 13.09 35.31 3.50
N SER A 1430 13.04 36.39 2.72
CA SER A 1430 13.27 37.72 3.26
C SER A 1430 12.10 38.19 4.10
N ASP A 1431 10.93 37.58 3.93
CA ASP A 1431 9.80 37.91 4.80
C ASP A 1431 9.71 36.94 5.97
N CYS A 1432 10.02 35.66 5.74
CA CYS A 1432 9.80 34.66 6.77
C CYS A 1432 10.88 34.72 7.85
N ALA A 1433 11.95 35.46 7.60
CA ALA A 1433 12.96 35.66 8.65
C ALA A 1433 12.60 36.83 9.54
N GLU A 1434 11.78 37.76 9.05
CA GLU A 1434 11.41 38.94 9.82
C GLU A 1434 10.46 38.58 10.95
N ALA A 1435 9.63 37.57 10.72
CA ALA A 1435 8.71 37.06 11.73
C ALA A 1435 9.35 35.95 12.59
N SER A 1436 10.60 35.59 12.25
CA SER A 1436 11.47 34.60 12.92
C SER A 1436 11.13 33.13 12.67
N TYR A 1437 10.23 32.85 11.75
CA TYR A 1437 9.86 31.48 11.44
C TYR A 1437 11.00 30.73 10.75
N ARG A 1438 11.15 29.46 11.07
CA ARG A 1438 12.20 28.64 10.48
C ARG A 1438 11.88 28.25 9.04
N TRP A 1439 12.92 27.96 8.25
CA TRP A 1439 12.75 27.57 6.85
C TRP A 1439 12.93 26.06 6.78
N VAL A 1440 11.99 25.33 6.18
CA VAL A 1440 12.14 23.88 6.10
C VAL A 1440 12.31 23.45 4.65
N ARG A 1441 13.38 22.75 4.36
CA ARG A 1441 13.51 22.18 3.04
C ARG A 1441 12.80 20.84 3.22
N HIS A 1442 11.88 20.53 2.33
CA HIS A 1442 11.14 19.27 2.46
C HIS A 1442 12.11 18.10 2.40
N LYS A 1443 11.87 17.10 3.25
CA LYS A 1443 12.77 15.95 3.34
C LYS A 1443 12.84 15.30 1.99
N TYR A 1444 11.71 15.25 1.32
CA TYR A 1444 11.67 14.70 -0.03
C TYR A 1444 11.61 15.86 -1.00
N ASN A 1445 12.74 16.16 -1.61
CA ASN A 1445 12.81 17.25 -2.56
C ASN A 1445 13.54 16.84 -3.82
N PHE A 1446 13.60 17.76 -4.76
CA PHE A 1446 14.27 17.53 -6.04
C PHE A 1446 15.47 18.44 -6.21
N ASP A 1447 16.29 18.61 -5.16
CA ASP A 1447 17.52 19.44 -5.24
C ASP A 1447 18.72 18.93 -6.08
N ASN A 1448 19.08 17.66 -5.91
CA ASN A 1448 20.14 16.98 -6.64
C ASN A 1448 19.53 15.90 -7.49
N LEU A 1449 20.36 15.27 -8.30
CA LEU A 1449 19.90 13.99 -8.86
C LEU A 1449 19.92 12.92 -7.79
N GLY A 1450 20.68 13.11 -6.72
CA GLY A 1450 20.70 12.14 -5.65
C GLY A 1450 19.45 12.15 -4.79
N GLN A 1451 18.83 13.31 -4.67
CA GLN A 1451 17.62 13.45 -3.88
C GLN A 1451 16.40 13.20 -4.75
N ALA A 1452 16.46 13.62 -6.01
CA ALA A 1452 15.36 13.34 -6.91
C ALA A 1452 15.21 11.88 -7.18
N LEU A 1453 16.22 11.09 -6.92
CA LEU A 1453 16.13 9.68 -7.22
C LEU A 1453 15.54 8.92 -6.05
N MET A 1454 15.58 9.54 -4.87
CA MET A 1454 14.91 9.02 -3.68
C MET A 1454 13.45 9.44 -3.65
N SER A 1455 13.16 10.67 -4.03
CA SER A 1455 11.78 11.13 -4.07
C SER A 1455 10.99 10.50 -5.19
N LEU A 1456 11.65 9.95 -6.20
CA LEU A 1456 10.94 9.13 -7.17
C LEU A 1456 10.85 7.67 -6.76
N PHE A 1457 11.26 7.34 -5.55
CA PHE A 1457 11.04 5.99 -5.05
C PHE A 1457 9.86 5.95 -4.10
N VAL A 1458 9.51 7.07 -3.49
CA VAL A 1458 8.28 7.17 -2.74
C VAL A 1458 7.09 7.36 -3.68
N LEU A 1459 7.28 8.01 -4.83
CA LEU A 1459 6.27 7.98 -5.88
C LEU A 1459 6.07 6.56 -6.41
N ALA A 1460 7.16 5.86 -6.72
CA ALA A 1460 7.06 4.55 -7.36
C ALA A 1460 6.46 3.51 -6.44
N SER A 1461 6.80 3.62 -5.17
CA SER A 1461 6.34 2.73 -4.11
C SER A 1461 4.83 2.81 -3.93
N LYS A 1462 4.28 3.98 -4.31
CA LYS A 1462 2.87 4.38 -4.26
C LYS A 1462 2.40 4.76 -2.87
N ASP A 1463 3.35 4.93 -1.96
CA ASP A 1463 3.00 5.31 -0.61
C ASP A 1463 3.52 6.71 -0.39
N GLY A 1464 2.64 7.61 0.02
CA GLY A 1464 3.05 8.99 0.27
C GLY A 1464 3.34 9.76 -1.00
N TRP A 1465 2.87 9.30 -2.14
CA TRP A 1465 3.11 10.01 -3.38
C TRP A 1465 2.27 11.26 -3.47
N VAL A 1466 1.13 11.26 -2.78
CA VAL A 1466 0.24 12.40 -2.83
C VAL A 1466 0.84 13.57 -2.06
N ASP A 1467 1.50 13.29 -0.95
CA ASP A 1467 2.02 14.36 -0.11
C ASP A 1467 3.26 14.99 -0.73
N ILE A 1468 3.96 14.26 -1.60
CA ILE A 1468 5.02 14.82 -2.45
C ILE A 1468 4.41 15.66 -3.56
N MET A 1469 3.30 15.17 -4.12
CA MET A 1469 2.69 15.80 -5.28
C MET A 1469 2.15 17.17 -4.96
N TYR A 1470 1.70 17.37 -3.72
CA TYR A 1470 1.07 18.64 -3.38
C TYR A 1470 2.07 19.77 -3.39
N ASP A 1471 3.29 19.55 -2.92
CA ASP A 1471 4.24 20.66 -2.93
C ASP A 1471 4.91 20.76 -4.28
N GLY A 1472 4.72 19.76 -5.13
CA GLY A 1472 5.11 19.91 -6.53
C GLY A 1472 4.11 20.72 -7.32
N LEU A 1473 2.87 20.77 -6.84
CA LEU A 1473 1.89 21.69 -7.40
C LEU A 1473 1.95 23.03 -6.72
N ASP A 1474 2.40 23.08 -5.47
CA ASP A 1474 2.46 24.36 -4.81
C ASP A 1474 3.72 25.14 -5.14
N ALA A 1475 4.64 24.57 -5.92
CA ALA A 1475 5.98 25.14 -6.05
C ALA A 1475 5.97 26.37 -6.94
N VAL A 1476 6.59 27.45 -6.46
CA VAL A 1476 6.47 28.76 -7.08
C VAL A 1476 7.79 29.23 -7.67
N GLY A 1477 8.78 29.48 -6.82
CA GLY A 1477 10.03 30.04 -7.28
C GLY A 1477 11.14 29.68 -6.32
N VAL A 1478 12.34 30.17 -6.64
CA VAL A 1478 13.54 29.67 -5.98
C VAL A 1478 13.61 30.15 -4.54
N ASP A 1479 13.15 31.36 -4.28
CA ASP A 1479 13.18 31.86 -2.92
C ASP A 1479 11.79 32.18 -2.39
N GLN A 1480 10.74 31.72 -3.06
CA GLN A 1480 9.39 32.12 -2.74
C GLN A 1480 8.71 31.11 -1.83
N GLN A 1481 7.60 31.54 -1.22
CA GLN A 1481 6.70 30.73 -0.42
C GLN A 1481 5.69 30.03 -1.32
N PRO A 1482 5.38 28.76 -1.06
CA PRO A 1482 4.54 27.99 -1.99
C PRO A 1482 3.07 28.40 -1.91
N ILE A 1483 2.47 28.59 -3.08
CA ILE A 1483 1.06 28.97 -3.22
C ILE A 1483 0.28 27.72 -3.56
N MET A 1484 -0.80 27.46 -2.82
CA MET A 1484 -1.60 26.26 -3.03
C MET A 1484 -2.25 26.26 -4.40
N ASN A 1485 -1.96 25.20 -5.15
CA ASN A 1485 -2.47 25.04 -6.50
C ASN A 1485 -1.97 26.10 -7.44
N HIS A 1486 -0.68 26.43 -7.35
CA HIS A 1486 -0.11 27.43 -8.23
C HIS A 1486 -0.11 26.96 -9.65
N ASN A 1487 0.26 25.71 -9.88
CA ASN A 1487 0.34 25.21 -11.25
C ASN A 1487 -0.14 23.78 -11.38
N PRO A 1488 -1.43 23.60 -11.65
CA PRO A 1488 -1.99 22.27 -11.75
C PRO A 1488 -1.60 21.53 -13.01
N TRP A 1489 -0.78 22.11 -13.86
CA TRP A 1489 -0.22 21.37 -14.98
C TRP A 1489 0.86 20.41 -14.57
N MET A 1490 1.41 20.54 -13.37
CA MET A 1490 2.40 19.59 -12.89
C MET A 1490 1.79 18.27 -12.46
N LEU A 1491 0.47 18.13 -12.52
CA LEU A 1491 -0.14 16.81 -12.42
C LEU A 1491 0.32 15.90 -13.54
N LEU A 1492 0.64 16.47 -14.69
CA LEU A 1492 1.16 15.66 -15.78
C LEU A 1492 2.55 15.11 -15.49
N TYR A 1493 3.34 15.73 -14.62
CA TYR A 1493 4.63 15.13 -14.32
C TYR A 1493 4.50 13.94 -13.37
N PHE A 1494 3.57 13.98 -12.43
CA PHE A 1494 3.50 12.92 -11.45
C PHE A 1494 2.54 11.80 -11.84
N ILE A 1495 1.38 12.12 -12.39
CA ILE A 1495 0.42 11.08 -12.79
C ILE A 1495 0.95 10.26 -13.95
N SER A 1496 1.63 10.91 -14.89
CA SER A 1496 2.24 10.16 -16.00
C SER A 1496 3.42 9.32 -15.56
N PHE A 1497 4.05 9.65 -14.45
CA PHE A 1497 5.14 8.83 -13.94
C PHE A 1497 4.61 7.54 -13.32
N LEU A 1498 3.48 7.62 -12.63
CA LEU A 1498 2.90 6.44 -12.00
C LEU A 1498 2.32 5.48 -13.01
N LEU A 1499 1.91 5.96 -14.17
CA LEU A 1499 1.28 5.05 -15.12
C LEU A 1499 2.29 4.33 -15.98
N ILE A 1500 3.57 4.72 -15.93
CA ILE A 1500 4.60 3.96 -16.63
C ILE A 1500 5.52 3.24 -15.66
N VAL A 1501 5.54 3.61 -14.39
CA VAL A 1501 6.13 2.71 -13.40
C VAL A 1501 5.26 1.48 -13.22
N ALA A 1502 3.96 1.71 -13.06
CA ALA A 1502 3.02 0.62 -12.88
C ALA A 1502 3.04 -0.26 -14.11
N PHE A 1503 3.09 0.34 -15.28
CA PHE A 1503 3.14 -0.44 -16.51
C PHE A 1503 4.40 -1.27 -16.61
N PHE A 1504 5.54 -0.68 -16.29
CA PHE A 1504 6.81 -1.40 -16.35
C PHE A 1504 6.88 -2.55 -15.35
N VAL A 1505 6.40 -2.30 -14.13
CA VAL A 1505 6.39 -3.31 -13.08
C VAL A 1505 5.49 -4.48 -13.45
N LEU A 1506 4.38 -4.17 -14.09
CA LEU A 1506 3.43 -5.20 -14.52
C LEU A 1506 4.08 -6.11 -15.55
N ASN A 1507 4.86 -5.52 -16.45
CA ASN A 1507 5.55 -6.31 -17.47
C ASN A 1507 6.59 -7.24 -16.87
N MET A 1508 7.32 -6.76 -15.87
CA MET A 1508 8.33 -7.58 -15.22
C MET A 1508 7.68 -8.78 -14.54
N PHE A 1509 6.55 -8.56 -13.88
CA PHE A 1509 5.86 -9.66 -13.21
C PHE A 1509 5.40 -10.68 -14.24
N VAL A 1510 4.87 -10.19 -15.36
CA VAL A 1510 4.41 -11.07 -16.43
C VAL A 1510 5.54 -11.86 -17.06
N GLY A 1511 6.69 -11.21 -17.24
CA GLY A 1511 7.82 -11.86 -17.84
C GLY A 1511 8.34 -13.02 -17.01
N VAL A 1512 8.39 -12.83 -15.70
CA VAL A 1512 8.85 -13.86 -14.76
C VAL A 1512 7.98 -15.11 -14.73
N VAL A 1513 6.66 -14.92 -14.78
CA VAL A 1513 5.71 -16.02 -14.76
C VAL A 1513 5.75 -16.79 -16.07
N VAL A 1514 5.86 -16.09 -17.19
CA VAL A 1514 5.65 -16.75 -18.48
C VAL A 1514 6.86 -17.56 -18.92
N GLU A 1515 7.98 -17.41 -18.22
CA GLU A 1515 9.16 -18.18 -18.58
C GLU A 1515 9.23 -19.47 -17.79
N ASN A 1516 8.57 -19.51 -16.64
CA ASN A 1516 8.55 -20.72 -15.82
C ASN A 1516 7.83 -21.83 -16.57
N PHE A 1517 6.74 -21.48 -17.25
CA PHE A 1517 5.96 -22.45 -18.02
C PHE A 1517 6.74 -23.08 -19.17
N HIS A 1518 7.56 -22.27 -19.86
CA HIS A 1518 8.36 -22.78 -20.96
C HIS A 1518 9.63 -23.44 -20.46
N ASP A 1591 -29.16 -32.71 6.90
CA ASP A 1591 -28.21 -31.69 6.47
C ASP A 1591 -28.88 -30.34 6.32
N LEU A 1592 -29.82 -30.26 5.37
CA LEU A 1592 -30.35 -28.97 4.93
C LEU A 1592 -31.15 -28.27 6.01
N PHE A 1593 -31.64 -29.02 7.00
CA PHE A 1593 -32.13 -28.40 8.22
C PHE A 1593 -30.98 -27.82 9.03
N ILE A 1594 -29.99 -28.66 9.31
CA ILE A 1594 -28.87 -28.31 10.19
C ILE A 1594 -28.07 -27.12 9.72
N THR A 1595 -27.79 -27.06 8.41
CA THR A 1595 -27.05 -25.93 7.88
C THR A 1595 -27.89 -24.69 8.11
N GLY A 1596 -29.20 -24.81 7.92
CA GLY A 1596 -30.11 -23.71 8.13
C GLY A 1596 -30.10 -23.29 9.59
N VAL A 1597 -30.05 -24.26 10.48
CA VAL A 1597 -30.01 -23.98 11.90
C VAL A 1597 -28.74 -23.20 12.22
N ILE A 1598 -27.63 -23.63 11.63
CA ILE A 1598 -26.36 -22.97 11.83
C ILE A 1598 -26.39 -21.55 11.30
N GLY A 1599 -27.03 -21.36 10.15
CA GLY A 1599 -27.15 -20.06 9.54
C GLY A 1599 -27.92 -19.10 10.42
N LEU A 1600 -28.98 -19.61 11.05
CA LEU A 1600 -29.80 -18.82 11.95
C LEU A 1600 -28.95 -18.36 13.14
N ASN A 1601 -28.12 -19.26 13.64
CA ASN A 1601 -27.23 -18.97 14.75
C ASN A 1601 -26.22 -17.88 14.40
N VAL A 1602 -25.72 -17.91 13.17
CA VAL A 1602 -24.74 -16.93 12.73
C VAL A 1602 -25.33 -15.52 12.75
N VAL A 1603 -26.56 -15.39 12.30
CA VAL A 1603 -27.22 -14.09 12.29
C VAL A 1603 -27.42 -13.56 13.70
N THR A 1604 -27.75 -14.45 14.62
CA THR A 1604 -27.98 -14.07 16.00
C THR A 1604 -26.72 -13.52 16.69
N MET A 1605 -25.56 -14.10 16.40
CA MET A 1605 -24.33 -13.64 17.04
C MET A 1605 -23.93 -12.27 16.54
N ALA A 1606 -24.37 -11.91 15.34
CA ALA A 1606 -24.12 -10.57 14.82
C ALA A 1606 -25.07 -9.55 15.39
N MET A 1607 -26.08 -9.99 16.10
CA MET A 1607 -27.05 -9.09 16.70
C MET A 1607 -26.47 -8.27 17.84
N GLU A 1608 -25.36 -8.73 18.42
CA GLU A 1608 -24.82 -8.07 19.59
C GLU A 1608 -24.13 -6.78 19.21
N HIS A 1609 -24.25 -5.79 20.07
CA HIS A 1609 -23.56 -4.53 19.90
C HIS A 1609 -23.30 -3.95 21.28
N TYR A 1610 -22.94 -2.69 21.32
CA TYR A 1610 -22.63 -2.01 22.57
C TYR A 1610 -23.88 -1.31 23.08
N GLN A 1611 -24.15 -1.50 24.37
CA GLN A 1611 -25.36 -1.01 25.04
C GLN A 1611 -26.62 -1.53 24.35
N GLN A 1612 -26.63 -2.83 24.08
CA GLN A 1612 -27.85 -3.50 23.69
C GLN A 1612 -28.78 -3.58 24.90
N PRO A 1613 -30.11 -3.59 24.68
CA PRO A 1613 -31.04 -3.52 25.81
C PRO A 1613 -31.07 -4.80 26.63
N GLN A 1614 -31.85 -4.74 27.70
CA GLN A 1614 -31.98 -5.90 28.58
C GLN A 1614 -32.68 -7.06 27.89
N ILE A 1615 -33.76 -6.77 27.15
CA ILE A 1615 -34.57 -7.84 26.56
C ILE A 1615 -33.83 -8.53 25.43
N LEU A 1616 -32.97 -7.81 24.71
CA LEU A 1616 -32.19 -8.47 23.67
C LEU A 1616 -31.01 -9.18 24.27
N ASP A 1617 -30.56 -8.78 25.46
CA ASP A 1617 -29.64 -9.59 26.23
C ASP A 1617 -30.31 -10.82 26.81
N GLU A 1618 -31.60 -10.74 27.12
CA GLU A 1618 -32.31 -11.94 27.54
C GLU A 1618 -32.56 -12.86 26.36
N ALA A 1619 -33.13 -12.31 25.29
CA ALA A 1619 -33.48 -13.07 24.12
C ALA A 1619 -32.28 -13.73 23.48
N LEU A 1620 -31.16 -13.03 23.43
CA LEU A 1620 -29.97 -13.63 22.85
C LEU A 1620 -29.54 -14.83 23.70
N LYS A 1621 -29.57 -14.65 25.01
CA LYS A 1621 -29.21 -15.75 25.93
C LYS A 1621 -30.20 -16.91 25.82
N ILE A 1622 -31.49 -16.59 25.74
CA ILE A 1622 -32.54 -17.59 25.64
C ILE A 1622 -32.42 -18.37 24.34
N CYS A 1623 -32.06 -17.66 23.27
CA CYS A 1623 -31.90 -18.26 21.96
C CYS A 1623 -30.77 -19.29 21.96
N ASN A 1624 -29.72 -19.00 22.70
CA ASN A 1624 -28.58 -19.91 22.79
C ASN A 1624 -28.97 -21.24 23.38
N TYR A 1625 -29.86 -21.23 24.36
CA TYR A 1625 -30.30 -22.49 24.95
C TYR A 1625 -30.97 -23.37 23.91
N ILE A 1626 -31.50 -22.77 22.84
CA ILE A 1626 -32.11 -23.56 21.77
C ILE A 1626 -31.05 -24.27 20.95
N PHE A 1627 -30.08 -23.53 20.40
CA PHE A 1627 -29.13 -24.11 19.47
C PHE A 1627 -28.16 -25.08 20.13
N THR A 1628 -28.08 -25.01 21.45
CA THR A 1628 -27.31 -25.98 22.20
C THR A 1628 -28.01 -27.34 22.12
N VAL A 1629 -29.33 -27.34 22.24
CA VAL A 1629 -30.12 -28.57 22.16
C VAL A 1629 -30.15 -29.25 20.80
N ILE A 1630 -30.25 -28.47 19.73
CA ILE A 1630 -30.36 -29.02 18.38
C ILE A 1630 -29.05 -29.69 17.97
N PHE A 1631 -27.91 -29.19 18.41
CA PHE A 1631 -26.65 -29.82 18.02
C PHE A 1631 -26.38 -31.09 18.82
N VAL A 1632 -26.93 -31.19 20.03
CA VAL A 1632 -26.91 -32.48 20.73
C VAL A 1632 -27.79 -33.48 20.01
N LEU A 1633 -28.93 -33.01 19.48
CA LEU A 1633 -29.84 -33.86 18.74
C LEU A 1633 -29.25 -34.33 17.41
N GLU A 1634 -28.21 -33.67 16.90
CA GLU A 1634 -27.47 -34.24 15.78
C GLU A 1634 -26.54 -35.34 16.24
N SER A 1635 -25.92 -35.18 17.41
CA SER A 1635 -25.05 -36.23 17.94
C SER A 1635 -25.85 -37.38 18.57
N VAL A 1636 -27.13 -37.18 18.85
CA VAL A 1636 -27.98 -38.31 19.19
C VAL A 1636 -28.29 -39.13 17.96
N PHE A 1637 -28.62 -38.47 16.84
CA PHE A 1637 -29.16 -39.15 15.68
C PHE A 1637 -28.12 -39.99 14.94
N LYS A 1638 -26.85 -39.81 15.26
CA LYS A 1638 -25.83 -40.66 14.67
C LYS A 1638 -26.09 -42.04 15.29
N ASN A 1653 -16.54 -34.84 11.10
CA ASN A 1653 -17.50 -35.29 12.10
C ASN A 1653 -16.89 -35.28 13.49
N GLN A 1654 -15.58 -35.52 13.57
CA GLN A 1654 -14.89 -35.51 14.84
C GLN A 1654 -14.93 -34.12 15.48
N LEU A 1655 -14.78 -33.10 14.65
CA LEU A 1655 -14.81 -31.71 15.12
C LEU A 1655 -16.15 -31.34 15.73
N ASP A 1656 -17.23 -31.86 15.13
CA ASP A 1656 -18.59 -31.59 15.62
C ASP A 1656 -18.77 -32.11 17.04
N LEU A 1657 -18.20 -33.27 17.33
CA LEU A 1657 -18.28 -33.80 18.68
C LEU A 1657 -17.54 -32.85 19.63
N ALA A 1658 -16.38 -32.35 19.21
CA ALA A 1658 -15.63 -31.39 19.99
C ALA A 1658 -16.39 -30.07 20.10
N ILE A 1659 -17.03 -29.67 19.02
CA ILE A 1659 -17.77 -28.41 18.97
C ILE A 1659 -18.93 -28.36 19.96
N VAL A 1660 -19.67 -29.44 20.07
CA VAL A 1660 -20.78 -29.51 21.03
C VAL A 1660 -20.27 -29.47 22.47
N LEU A 1661 -19.11 -30.09 22.70
CA LEU A 1661 -18.53 -30.15 24.03
C LEU A 1661 -18.26 -28.75 24.56
N LEU A 1662 -17.73 -27.88 23.71
CA LEU A 1662 -17.46 -26.50 24.11
C LEU A 1662 -18.75 -25.79 24.46
N SER A 1663 -19.79 -26.03 23.67
CA SER A 1663 -21.10 -25.41 23.90
C SER A 1663 -21.70 -25.80 25.24
N ILE A 1664 -21.99 -27.08 25.41
CA ILE A 1664 -22.60 -27.54 26.66
C ILE A 1664 -21.70 -27.18 27.84
N MET A 1665 -20.41 -26.98 27.59
CA MET A 1665 -19.53 -26.46 28.65
C MET A 1665 -19.83 -25.00 28.94
N GLY A 1666 -20.15 -24.23 27.89
CA GLY A 1666 -20.35 -22.81 28.07
C GLY A 1666 -21.61 -22.48 28.84
N ILE A 1667 -22.69 -23.19 28.57
CA ILE A 1667 -23.92 -22.91 29.28
C ILE A 1667 -23.70 -23.15 30.77
N THR A 1668 -22.97 -24.19 31.10
CA THR A 1668 -22.71 -24.53 32.50
C THR A 1668 -21.91 -23.47 33.26
N LEU A 1669 -20.86 -22.94 32.64
CA LEU A 1669 -20.02 -21.95 33.30
C LEU A 1669 -20.73 -20.63 33.62
N GLU A 1670 -21.49 -20.13 32.66
CA GLU A 1670 -22.24 -18.88 32.80
C GLU A 1670 -23.31 -18.97 33.90
N GLU A 1671 -24.02 -20.08 33.90
CA GLU A 1671 -25.06 -20.34 34.90
C GLU A 1671 -24.54 -20.46 36.32
N ILE A 1672 -23.39 -21.10 36.50
CA ILE A 1672 -22.88 -21.34 37.83
C ILE A 1672 -22.67 -20.07 38.62
N GLU A 1673 -22.17 -19.05 37.93
CA GLU A 1673 -21.88 -17.75 38.53
C GLU A 1673 -23.05 -16.96 39.13
N VAL A 1674 -24.19 -16.94 38.44
CA VAL A 1674 -25.36 -16.19 38.93
C VAL A 1674 -26.06 -16.71 40.19
N ASN A 1675 -26.32 -18.01 40.25
CA ASN A 1675 -27.00 -18.57 41.42
C ASN A 1675 -26.43 -19.86 41.99
N ALA A 1676 -25.21 -20.21 41.60
CA ALA A 1676 -24.61 -21.46 42.06
C ALA A 1676 -23.57 -21.23 43.13
N SER A 1677 -22.54 -20.43 42.83
CA SER A 1677 -21.38 -20.38 43.70
C SER A 1677 -20.66 -19.05 43.48
N LEU A 1678 -19.44 -18.98 44.02
CA LEU A 1678 -18.57 -17.86 43.70
C LEU A 1678 -18.19 -17.99 42.23
N PRO A 1679 -18.19 -16.89 41.49
CA PRO A 1679 -17.76 -16.95 40.09
C PRO A 1679 -16.27 -17.24 39.95
N ILE A 1680 -15.89 -17.65 38.75
CA ILE A 1680 -14.49 -17.68 38.35
C ILE A 1680 -14.19 -16.30 37.80
N ASN A 1681 -12.91 -16.00 37.57
CA ASN A 1681 -12.47 -14.75 36.95
C ASN A 1681 -13.20 -14.56 35.62
N PRO A 1682 -13.61 -13.33 35.37
CA PRO A 1682 -14.37 -12.95 34.17
C PRO A 1682 -13.61 -13.28 32.90
N THR A 1683 -12.29 -13.25 32.93
CA THR A 1683 -11.50 -13.54 31.74
C THR A 1683 -11.77 -14.95 31.23
N ILE A 1684 -11.91 -15.92 32.13
CA ILE A 1684 -12.20 -17.28 31.72
C ILE A 1684 -13.55 -17.33 31.00
N ILE A 1685 -14.54 -16.62 31.53
CA ILE A 1685 -15.85 -16.59 30.90
C ILE A 1685 -15.86 -15.91 29.53
N ARG A 1686 -15.13 -14.81 29.41
CA ARG A 1686 -15.10 -14.07 28.15
C ARG A 1686 -14.49 -14.86 27.01
N ILE A 1687 -13.43 -15.61 27.28
CA ILE A 1687 -12.79 -16.44 26.27
C ILE A 1687 -13.74 -17.53 25.78
N MET A 1688 -14.51 -18.10 26.70
CA MET A 1688 -15.46 -19.15 26.40
C MET A 1688 -16.55 -18.64 25.45
N ARG A 1689 -16.99 -17.40 25.67
CA ARG A 1689 -18.06 -16.83 24.86
C ARG A 1689 -17.63 -16.76 23.41
N VAL A 1690 -16.37 -16.38 23.18
CA VAL A 1690 -15.82 -16.31 21.85
C VAL A 1690 -15.82 -17.70 21.21
N LEU A 1691 -15.54 -18.74 21.99
CA LEU A 1691 -15.38 -20.09 21.46
C LEU A 1691 -16.64 -20.73 20.91
N ARG A 1692 -17.73 -19.97 20.88
CA ARG A 1692 -18.96 -20.47 20.27
C ARG A 1692 -18.88 -20.19 18.76
N ILE A 1693 -17.89 -19.39 18.34
CA ILE A 1693 -17.73 -19.09 16.92
C ILE A 1693 -17.20 -20.30 16.17
N ALA A 1694 -16.79 -21.34 16.88
CA ALA A 1694 -16.26 -22.52 16.22
C ALA A 1694 -17.35 -23.34 15.56
N ARG A 1695 -18.61 -23.06 15.91
CA ARG A 1695 -19.76 -23.75 15.34
C ARG A 1695 -19.89 -23.48 13.86
N VAL A 1696 -19.47 -22.28 13.44
CA VAL A 1696 -19.51 -21.87 12.04
C VAL A 1696 -18.66 -22.72 11.09
N LEU A 1697 -17.59 -23.32 11.60
CA LEU A 1697 -16.68 -24.18 10.84
C LEU A 1697 -17.35 -25.42 10.25
N LYS A 1698 -18.39 -25.94 10.90
CA LYS A 1698 -19.03 -27.14 10.41
C LYS A 1698 -19.55 -26.95 8.99
N LEU A 1699 -20.13 -25.79 8.67
CA LEU A 1699 -20.60 -25.66 7.31
C LEU A 1699 -19.45 -25.66 6.32
N LEU A 1700 -18.25 -25.97 6.79
CA LEU A 1700 -17.09 -26.10 5.93
C LEU A 1700 -17.32 -27.31 5.03
N LYS A 1701 -17.92 -28.35 5.60
CA LYS A 1701 -18.18 -29.59 4.88
C LYS A 1701 -19.15 -29.44 3.70
N MET A 1702 -20.19 -28.63 3.86
CA MET A 1702 -21.16 -28.43 2.79
C MET A 1702 -20.53 -27.86 1.54
N ALA A 1703 -19.55 -26.99 1.71
CA ALA A 1703 -18.89 -26.36 0.58
C ALA A 1703 -17.78 -27.23 0.00
N VAL A 1704 -18.17 -28.16 -0.86
CA VAL A 1704 -17.22 -29.05 -1.51
C VAL A 1704 -16.26 -28.25 -2.38
N GLY A 1705 -16.80 -27.26 -3.07
CA GLY A 1705 -16.01 -26.44 -3.98
C GLY A 1705 -14.90 -25.63 -3.32
N MET A 1706 -15.18 -25.04 -2.17
CA MET A 1706 -14.18 -24.26 -1.49
C MET A 1706 -12.98 -25.11 -1.07
N ARG A 1707 -13.25 -26.31 -0.60
CA ARG A 1707 -12.18 -27.20 -0.16
C ARG A 1707 -11.24 -27.56 -1.30
N ALA A 1708 -11.80 -27.85 -2.48
CA ALA A 1708 -10.97 -28.20 -3.62
C ALA A 1708 -10.07 -27.02 -3.98
N LEU A 1709 -10.64 -25.82 -3.98
CA LEU A 1709 -9.86 -24.64 -4.29
C LEU A 1709 -8.81 -24.42 -3.21
N LEU A 1710 -9.21 -24.63 -1.96
CA LEU A 1710 -8.32 -24.47 -0.80
C LEU A 1710 -7.14 -25.43 -0.75
N ASP A 1711 -7.37 -26.70 -1.07
CA ASP A 1711 -6.29 -27.68 -1.02
C ASP A 1711 -5.18 -27.34 -2.00
N THR A 1712 -5.55 -26.91 -3.20
CA THR A 1712 -4.53 -26.58 -4.18
C THR A 1712 -3.39 -25.76 -3.59
N VAL A 1713 -3.72 -24.86 -2.66
CA VAL A 1713 -2.68 -24.06 -2.02
C VAL A 1713 -1.72 -24.93 -1.21
N MET A 1714 -2.26 -25.94 -0.53
CA MET A 1714 -1.46 -26.82 0.31
C MET A 1714 -0.45 -27.62 -0.51
N GLN A 1715 -0.86 -28.11 -1.67
CA GLN A 1715 0.06 -28.85 -2.53
C GLN A 1715 1.29 -28.02 -2.85
N ALA A 1716 1.09 -26.72 -3.08
CA ALA A 1716 2.17 -25.81 -3.39
C ALA A 1716 2.82 -25.18 -2.16
N LEU A 1717 2.32 -25.56 -0.98
CA LEU A 1717 2.82 -25.03 0.30
C LEU A 1717 4.28 -25.30 0.61
N PRO A 1718 4.78 -26.46 0.23
CA PRO A 1718 6.18 -26.80 0.51
C PRO A 1718 7.14 -25.83 -0.16
N GLN A 1719 6.86 -25.43 -1.40
CA GLN A 1719 7.70 -24.45 -2.07
C GLN A 1719 7.62 -23.12 -1.33
N VAL A 1720 6.41 -22.77 -0.90
CA VAL A 1720 6.14 -21.55 -0.14
C VAL A 1720 6.85 -21.58 1.21
N GLY A 1721 6.94 -22.74 1.83
CA GLY A 1721 7.59 -22.86 3.11
C GLY A 1721 9.04 -22.44 3.04
N ASN A 1722 9.75 -22.83 1.99
CA ASN A 1722 11.14 -22.41 1.86
C ASN A 1722 11.20 -20.89 1.70
N LEU A 1723 10.29 -20.34 0.91
CA LEU A 1723 10.21 -18.90 0.70
C LEU A 1723 9.87 -18.20 2.01
N GLY A 1724 8.98 -18.80 2.78
CA GLY A 1724 8.58 -18.24 4.06
C GLY A 1724 9.77 -18.18 5.01
N LEU A 1725 10.59 -19.24 5.00
CA LEU A 1725 11.78 -19.30 5.84
C LEU A 1725 12.76 -18.20 5.45
N LEU A 1726 12.89 -17.98 4.15
CA LEU A 1726 13.77 -16.95 3.60
C LEU A 1726 13.30 -15.57 4.03
N PHE A 1727 11.99 -15.38 4.05
CA PHE A 1727 11.41 -14.11 4.46
C PHE A 1727 11.73 -13.80 5.92
N MET A 1728 11.66 -14.80 6.77
CA MET A 1728 11.98 -14.62 8.19
C MET A 1728 13.43 -14.27 8.43
N LEU A 1729 14.31 -14.92 7.67
CA LEU A 1729 15.75 -14.70 7.78
C LEU A 1729 16.09 -13.26 7.44
N LEU A 1730 15.40 -12.73 6.45
CA LEU A 1730 15.62 -11.37 5.97
C LEU A 1730 15.16 -10.34 6.99
N PHE A 1731 14.08 -10.63 7.73
CA PHE A 1731 13.72 -9.77 8.85
C PHE A 1731 14.72 -9.85 9.97
N PHE A 1732 15.45 -10.95 10.07
CA PHE A 1732 16.38 -11.11 11.17
C PHE A 1732 17.60 -10.25 10.96
N ILE A 1733 18.08 -10.24 9.72
CA ILE A 1733 19.25 -9.44 9.40
C ILE A 1733 18.96 -7.95 9.49
N PHE A 1734 17.84 -7.53 8.90
CA PHE A 1734 17.45 -6.12 8.92
C PHE A 1734 17.07 -5.60 10.30
N ALA A 1735 16.37 -6.41 11.07
CA ALA A 1735 15.96 -6.00 12.41
C ALA A 1735 17.20 -5.80 13.27
N ALA A 1736 18.15 -6.72 13.15
CA ALA A 1736 19.41 -6.64 13.89
C ALA A 1736 20.17 -5.41 13.44
N LEU A 1737 20.18 -5.19 12.13
CA LEU A 1737 20.86 -4.05 11.53
C LEU A 1737 20.20 -2.75 11.94
N GLY A 1738 18.88 -2.75 12.00
CA GLY A 1738 18.12 -1.56 12.35
C GLY A 1738 18.40 -1.06 13.75
N VAL A 1739 18.52 -1.96 14.71
CA VAL A 1739 18.78 -1.56 16.09
C VAL A 1739 20.11 -0.83 16.22
N GLU A 1740 21.12 -1.29 15.49
CA GLU A 1740 22.45 -0.68 15.52
C GLU A 1740 22.41 0.75 15.00
N LEU A 1741 21.72 0.98 13.89
CA LEU A 1741 21.70 2.32 13.30
C LEU A 1741 20.81 3.29 14.06
N PHE A 1742 19.61 2.86 14.44
CA PHE A 1742 18.61 3.77 14.95
C PHE A 1742 18.27 3.50 16.41
N GLY A 1743 19.27 3.34 17.26
CA GLY A 1743 18.97 2.95 18.62
C GLY A 1743 18.64 4.13 19.51
N ASP A 1744 19.14 5.31 19.17
CA ASP A 1744 19.02 6.44 20.10
C ASP A 1744 17.96 7.45 19.65
N LEU A 1745 17.17 7.10 18.63
CA LEU A 1745 16.08 7.98 18.23
C LEU A 1745 14.98 7.93 19.28
N GLU A 1746 14.50 9.10 19.68
CA GLU A 1746 13.46 9.16 20.70
C GLU A 1746 12.41 10.19 20.31
N CYS A 1747 11.32 10.20 21.06
CA CYS A 1747 10.11 10.92 20.70
C CYS A 1747 9.47 11.69 21.86
N ASP A 1748 10.24 12.48 22.60
CA ASP A 1748 9.62 13.30 23.64
C ASP A 1748 8.95 14.55 23.07
N GLU A 1749 8.65 15.51 23.94
CA GLU A 1749 7.98 16.73 23.50
C GLU A 1749 8.94 17.65 22.74
N THR A 1750 10.24 17.52 23.00
CA THR A 1750 11.23 18.41 22.37
C THR A 1750 11.57 17.91 20.98
N HIS A 1751 11.53 16.61 20.78
CA HIS A 1751 11.78 15.99 19.50
C HIS A 1751 10.49 15.43 18.95
N PRO A 1752 9.78 16.14 18.10
CA PRO A 1752 8.60 15.54 17.47
C PRO A 1752 9.01 14.61 16.35
N CYS A 1753 8.28 13.50 16.20
CA CYS A 1753 8.59 12.46 15.25
C CYS A 1753 7.32 12.07 14.51
N GLU A 1754 7.47 11.67 13.25
CA GLU A 1754 6.32 11.54 12.37
C GLU A 1754 5.86 10.08 12.22
N GLY A 1755 6.77 9.18 11.86
CA GLY A 1755 6.37 7.80 11.66
C GLY A 1755 6.66 6.90 12.83
N LEU A 1756 7.81 7.10 13.47
CA LEU A 1756 8.18 6.38 14.68
C LEU A 1756 7.42 7.01 15.84
N GLY A 1757 7.16 6.22 16.87
CA GLY A 1757 6.33 6.71 17.95
C GLY A 1757 6.54 6.01 19.26
N ARG A 1758 5.45 5.66 19.94
CA ARG A 1758 5.56 4.87 21.16
C ARG A 1758 5.47 3.39 20.84
N HIS A 1759 4.74 3.04 19.79
CA HIS A 1759 4.47 1.64 19.53
C HIS A 1759 5.44 1.07 18.52
N ALA A 1760 6.10 1.93 17.75
CA ALA A 1760 7.07 1.50 16.76
C ALA A 1760 8.37 2.25 17.01
N THR A 1761 9.34 1.55 17.59
CA THR A 1761 10.68 2.07 17.76
C THR A 1761 11.65 0.98 17.30
N PHE A 1762 12.92 1.32 17.29
CA PHE A 1762 13.97 0.36 16.99
C PHE A 1762 14.84 0.05 18.19
N ARG A 1763 14.38 0.32 19.42
CA ARG A 1763 15.23 0.18 20.58
C ARG A 1763 15.35 -1.23 21.10
N ASN A 1764 14.77 -2.22 20.42
CA ASN A 1764 14.90 -3.62 20.82
C ASN A 1764 15.19 -4.43 19.59
N PHE A 1765 15.09 -5.74 19.72
CA PHE A 1765 14.86 -6.61 18.58
C PHE A 1765 13.41 -7.02 18.48
N GLY A 1766 12.65 -6.90 19.56
CA GLY A 1766 11.22 -7.14 19.46
C GLY A 1766 10.50 -5.99 18.78
N MET A 1767 10.73 -4.76 19.24
CA MET A 1767 10.07 -3.60 18.63
C MET A 1767 10.59 -3.32 17.24
N ALA A 1768 11.84 -3.66 16.98
CA ALA A 1768 12.38 -3.56 15.63
C ALA A 1768 11.95 -4.72 14.75
N PHE A 1769 11.15 -5.65 15.27
CA PHE A 1769 10.62 -6.70 14.43
C PHE A 1769 9.20 -6.38 14.03
N LEU A 1770 8.46 -5.67 14.88
CA LEU A 1770 7.14 -5.19 14.50
C LEU A 1770 7.24 -3.98 13.60
N THR A 1771 8.25 -3.14 13.81
CA THR A 1771 8.41 -1.95 12.98
C THR A 1771 8.77 -2.33 11.55
N LEU A 1772 9.53 -3.38 11.38
CA LEU A 1772 9.87 -3.92 10.08
C LEU A 1772 8.72 -4.66 9.42
N PHE A 1773 7.62 -4.87 10.12
CA PHE A 1773 6.50 -5.54 9.48
C PHE A 1773 5.58 -4.56 8.79
N ARG A 1774 5.35 -3.38 9.34
CA ARG A 1774 4.55 -2.38 8.64
C ARG A 1774 5.34 -1.65 7.57
N VAL A 1775 6.66 -1.77 7.54
CA VAL A 1775 7.37 -1.39 6.33
C VAL A 1775 7.15 -2.43 5.25
N SER A 1776 6.97 -3.69 5.64
CA SER A 1776 6.79 -4.75 4.66
C SER A 1776 5.41 -4.71 4.03
N THR A 1777 4.38 -4.39 4.82
CA THR A 1777 3.04 -4.26 4.26
C THR A 1777 2.90 -2.99 3.46
N GLY A 1778 3.65 -1.95 3.82
CA GLY A 1778 3.64 -0.73 3.07
C GLY A 1778 2.75 0.33 3.68
N ASP A 1779 2.83 0.53 4.98
CA ASP A 1779 1.98 1.51 5.66
C ASP A 1779 2.88 2.53 6.33
N ASN A 1780 3.04 3.67 5.67
CA ASN A 1780 3.72 4.86 6.21
C ASN A 1780 5.18 4.56 6.53
N TRP A 1781 5.87 3.85 5.66
CA TRP A 1781 7.29 3.67 5.86
C TRP A 1781 8.07 4.90 5.46
N ASN A 1782 7.48 5.83 4.73
CA ASN A 1782 8.22 7.04 4.44
C ASN A 1782 8.14 8.03 5.58
N GLY A 1783 7.15 7.91 6.46
CA GLY A 1783 7.17 8.70 7.67
C GLY A 1783 8.19 8.20 8.66
N ILE A 1784 8.57 6.93 8.52
CA ILE A 1784 9.68 6.39 9.32
C ILE A 1784 11.01 6.87 8.77
N MET A 1785 11.18 6.85 7.46
CA MET A 1785 12.44 7.30 6.90
C MET A 1785 12.57 8.81 7.00
N LYS A 1786 11.45 9.51 7.16
CA LYS A 1786 11.49 10.96 7.28
C LYS A 1786 12.11 11.41 8.60
N ASP A 1787 12.00 10.61 9.65
CA ASP A 1787 12.50 11.09 10.94
C ASP A 1787 13.61 10.23 11.50
N THR A 1788 14.20 9.36 10.68
CA THR A 1788 15.56 8.97 10.97
C THR A 1788 16.53 9.99 10.42
N LEU A 1789 16.06 10.82 9.48
CA LEU A 1789 16.84 11.90 8.92
C LEU A 1789 16.80 13.16 9.78
N ARG A 1790 15.93 13.22 10.78
CA ARG A 1790 15.57 14.52 11.35
C ARG A 1790 16.65 15.05 12.29
N ASP A 1791 17.55 14.20 12.74
CA ASP A 1791 18.62 14.69 13.60
C ASP A 1791 19.81 15.15 12.79
N TYR A 1799 25.52 12.17 8.97
CA TYR A 1799 26.09 10.86 8.71
C TYR A 1799 25.00 9.84 8.48
N ASN A 1800 23.75 10.31 8.51
CA ASN A 1800 22.60 9.45 8.33
C ASN A 1800 21.93 9.66 6.98
N THR A 1801 22.44 10.58 6.18
CA THR A 1801 21.76 10.99 4.96
C THR A 1801 21.98 9.97 3.85
N VAL A 1802 23.06 9.20 3.93
CA VAL A 1802 23.38 8.21 2.92
C VAL A 1802 22.95 6.81 3.35
N ILE A 1803 23.09 6.53 4.64
CA ILE A 1803 22.85 5.19 5.18
C ILE A 1803 21.37 4.87 5.20
N SER A 1804 20.56 5.79 5.71
CA SER A 1804 19.13 5.59 5.91
C SER A 1804 18.36 5.35 4.61
N PRO A 1805 18.62 6.03 3.49
CA PRO A 1805 17.95 5.59 2.26
C PRO A 1805 18.44 4.28 1.70
N ILE A 1806 19.68 3.85 1.97
CA ILE A 1806 20.08 2.53 1.49
C ILE A 1806 19.35 1.46 2.27
N TYR A 1807 19.12 1.68 3.55
CA TYR A 1807 18.51 0.65 4.38
C TYR A 1807 17.01 0.54 4.13
N PHE A 1808 16.32 1.61 3.79
CA PHE A 1808 14.89 1.49 3.53
C PHE A 1808 14.55 1.23 2.07
N VAL A 1809 15.47 1.48 1.13
CA VAL A 1809 15.18 1.12 -0.25
C VAL A 1809 15.53 -0.33 -0.52
N SER A 1810 16.63 -0.81 0.04
CA SER A 1810 17.00 -2.18 -0.23
C SER A 1810 16.17 -3.17 0.56
N PHE A 1811 15.52 -2.74 1.63
CA PHE A 1811 14.62 -3.64 2.33
C PHE A 1811 13.32 -3.83 1.58
N VAL A 1812 12.74 -2.74 1.07
CA VAL A 1812 11.46 -2.80 0.40
C VAL A 1812 11.56 -3.56 -0.91
N LEU A 1813 12.64 -3.34 -1.68
CA LEU A 1813 12.79 -4.06 -2.94
C LEU A 1813 13.12 -5.52 -2.75
N THR A 1814 13.60 -5.93 -1.58
CA THR A 1814 13.86 -7.34 -1.36
C THR A 1814 12.77 -8.02 -0.56
N ALA A 1815 11.93 -7.27 0.15
CA ALA A 1815 10.78 -7.88 0.76
C ALA A 1815 9.69 -8.14 -0.27
N GLN A 1816 9.38 -7.12 -1.07
CA GLN A 1816 8.34 -7.26 -2.08
C GLN A 1816 8.73 -8.26 -3.17
N PHE A 1817 10.02 -8.45 -3.40
CA PHE A 1817 10.46 -9.41 -4.41
C PHE A 1817 10.37 -10.84 -3.91
N VAL A 1818 10.52 -11.06 -2.60
CA VAL A 1818 10.24 -12.38 -2.05
C VAL A 1818 8.74 -12.64 -2.06
N LEU A 1819 7.95 -11.62 -1.75
CA LEU A 1819 6.50 -11.76 -1.72
C LEU A 1819 5.91 -11.97 -3.10
N VAL A 1820 6.57 -11.49 -4.15
CA VAL A 1820 6.14 -11.82 -5.49
C VAL A 1820 6.43 -13.28 -5.81
N ASN A 1821 7.60 -13.77 -5.41
CA ASN A 1821 7.97 -15.13 -5.73
C ASN A 1821 7.17 -16.17 -4.95
N VAL A 1822 6.44 -15.75 -3.92
CA VAL A 1822 5.45 -16.63 -3.31
C VAL A 1822 4.25 -16.77 -4.21
N VAL A 1823 3.70 -15.64 -4.63
CA VAL A 1823 2.49 -15.62 -5.43
C VAL A 1823 2.63 -16.36 -6.74
N ILE A 1824 3.78 -16.24 -7.40
CA ILE A 1824 3.93 -16.95 -8.66
C ILE A 1824 4.27 -18.41 -8.45
N ALA A 1825 4.62 -18.78 -7.22
CA ALA A 1825 4.82 -20.20 -6.93
C ALA A 1825 3.51 -20.87 -6.57
N VAL A 1826 2.59 -20.14 -5.97
CA VAL A 1826 1.25 -20.67 -5.74
C VAL A 1826 0.49 -20.71 -7.04
N LEU A 1827 0.80 -19.81 -7.96
CA LEU A 1827 0.10 -19.76 -9.24
C LEU A 1827 0.44 -20.96 -10.11
N MET A 1828 1.72 -21.33 -10.14
CA MET A 1828 2.17 -22.44 -10.96
C MET A 1828 1.57 -23.77 -10.55
N LYS A 1829 1.63 -24.10 -9.26
CA LYS A 1829 1.07 -25.39 -8.85
C LYS A 1829 -0.43 -25.43 -9.11
N HIS A 1830 -1.11 -24.33 -8.81
CA HIS A 1830 -2.54 -24.24 -9.04
C HIS A 1830 -2.86 -24.31 -10.53
N LEU A 1831 -2.02 -23.67 -11.33
CA LEU A 1831 -2.20 -23.62 -12.78
C LEU A 1831 -2.10 -24.97 -13.45
N GLU A 1832 -1.20 -25.82 -12.96
CA GLU A 1832 -0.99 -27.14 -13.54
C GLU A 1832 -2.19 -28.10 -13.45
N GLU A 1833 -3.02 -27.93 -12.44
CA GLU A 1833 -4.18 -28.80 -12.27
C GLU A 1833 -5.15 -28.69 -13.43
N SER A 1834 -5.34 -27.46 -13.91
CA SER A 1834 -6.24 -27.20 -15.02
C SER A 1834 -5.80 -27.91 -16.30
N ASN A 1835 -4.50 -27.94 -16.53
CA ASN A 1835 -3.94 -28.52 -17.75
C ASN A 1835 -4.22 -30.00 -18.01
N LYS A 1836 -4.14 -30.82 -16.96
CA LYS A 1836 -4.36 -32.25 -17.13
C LYS A 1836 -5.77 -32.64 -17.60
N GLU A 1837 -6.78 -31.95 -17.07
CA GLU A 1837 -8.18 -32.21 -17.41
C GLU A 1837 -8.51 -33.69 -17.28
CA CA B . -0.20 4.76 3.42
CA CA C . -0.83 0.78 0.34
C1 NAG D . -16.63 12.99 45.68
C2 NAG D . -15.10 13.11 45.66
C3 NAG D . -14.57 13.32 47.08
C4 NAG D . -15.30 14.46 47.79
C5 NAG D . -16.80 14.25 47.71
C6 NAG D . -17.61 15.38 48.31
C7 NAG D . -13.84 12.00 43.89
C8 NAG D . -13.28 10.71 43.40
N2 NAG D . -14.48 11.95 45.06
O3 NAG D . -13.18 13.63 46.99
O4 NAG D . -14.89 14.50 49.16
O5 NAG D . -17.20 14.13 46.35
O6 NAG D . -19.01 15.14 48.19
O7 NAG D . -13.73 13.04 43.26
C1 NAG E . -15.97 8.13 36.27
C2 NAG E . -16.67 7.75 37.55
C3 NAG E . -17.82 6.78 37.26
C4 NAG E . -18.76 7.40 36.23
C5 NAG E . -17.99 7.88 35.00
C6 NAG E . -18.85 8.69 34.05
C7 NAG E . -15.44 7.77 39.66
C8 NAG E . -14.46 7.05 40.54
N2 NAG E . -15.75 7.17 38.51
O3 NAG E . -18.51 6.48 38.45
O4 NAG E . -19.72 6.43 35.82
O5 NAG E . -16.90 8.73 35.38
O6 NAG E . -18.91 10.05 34.47
O7 NAG E . -15.91 8.84 39.98
C1 NAG F . -2.34 39.23 6.63
C2 NAG F . -2.74 39.51 8.08
C3 NAG F . -4.19 39.99 8.16
C4 NAG F . -4.43 41.12 7.17
C5 NAG F . -3.93 40.75 5.78
C6 NAG F . -4.11 41.90 4.80
C7 NAG F . -1.87 38.32 10.01
C8 NAG F . -1.42 36.98 10.51
N2 NAG F . -2.58 38.30 8.88
O3 NAG F . -4.46 40.45 9.49
O4 NAG F . -5.84 41.40 7.10
O5 NAG F . -2.55 40.40 5.85
O6 NAG F . -3.38 41.63 3.60
O7 NAG F . -1.60 39.36 10.60
C1 NAG G . 10.01 39.19 -0.46
C2 NAG G . 10.15 39.78 -1.85
C3 NAG G . 9.31 41.04 -2.09
C4 NAG G . 8.64 41.69 -0.87
C5 NAG G . 8.84 40.97 0.46
C6 NAG G . 7.70 39.98 0.71
C7 NAG G . 12.31 40.84 -1.38
C8 NAG G . 11.65 42.05 -0.80
N2 NAG G . 11.54 40.05 -2.13
O3 NAG G . 8.28 40.75 -3.05
O4 NAG G . 9.13 43.03 -0.74
O5 NAG G . 10.06 40.27 0.47
O6 NAG G . 6.63 40.64 1.39
O7 NAG G . 13.48 40.59 -1.19
C1 NAG H . -30.18 -16.28 43.55
C2 NAG H . -31.50 -15.60 43.17
C3 NAG H . -31.79 -14.44 44.12
C4 NAG H . -31.72 -14.90 45.58
C5 NAG H . -30.40 -15.63 45.85
C6 NAG H . -30.34 -16.24 47.23
C7 NAG H . -32.53 -15.19 40.99
C8 NAG H . -32.33 -14.65 39.59
N2 NAG H . -31.47 -15.13 41.80
O3 NAG H . -33.09 -13.91 43.84
O4 NAG H . -31.81 -13.77 46.45
O5 NAG H . -30.23 -16.70 44.92
O6 NAG H . -30.04 -17.63 47.17
O7 NAG H . -33.61 -15.65 41.35
P 3PE I . -3.43 -1.56 -6.98
N 3PE I . -0.61 0.96 -3.51
O11 3PE I . -2.56 -0.75 -8.06
O12 3PE I . -4.73 -0.84 -6.78
O13 3PE I . -2.54 -1.44 -5.63
O14 3PE I . -3.44 -3.02 -7.39
C11 3PE I . -1.97 -0.20 -5.24
C12 3PE I . -1.19 -0.34 -3.93
C1 3PE I . -1.86 -1.44 -9.08
C2 3PE I . -1.35 -0.45 -10.13
C3 3PE I . -0.82 -1.17 -11.38
O31 3PE I . -1.91 -1.64 -12.20
O32 3PE I . -1.38 -2.58 -14.25
C31 3PE I . -1.88 -1.64 -13.65
C32 3PE I . -2.47 -0.47 -14.44
C33 3PE I . -1.67 -0.21 -15.71
C34 3PE I . -2.15 1.05 -16.43
C35 3PE I . -1.28 1.37 -17.64
C36 3PE I . -1.65 2.71 -18.26
C37 3PE I . -0.67 3.11 -19.36
O21 3PE I . -2.47 0.38 -10.51
O22 3PE I . -1.23 2.33 -10.35
C21 3PE I . -2.34 1.84 -10.55
C22 3PE I . -3.60 2.65 -10.87
C23 3PE I . -3.89 2.54 -12.36
C24 3PE I . -5.15 3.33 -12.74
C25 3PE I . -5.33 3.39 -14.26
C26 3PE I . -6.49 4.31 -14.66
C27 3PE I . -6.57 4.51 -16.17
C28 3PE I . -5.42 5.37 -16.69
C29 3PE I . -5.49 5.50 -18.21
P 3PE J . -9.59 23.75 -15.34
N 3PE J . -11.19 22.73 -11.56
O11 3PE J . -10.30 22.42 -15.89
O12 3PE J . -10.05 24.90 -16.21
O13 3PE J . -10.22 23.96 -13.88
O14 3PE J . -8.11 23.48 -15.18
C11 3PE J . -9.39 23.99 -12.71
C12 3PE J . -10.25 23.89 -11.46
C1 3PE J . -10.88 21.45 -15.01
C2 3PE J . -12.04 20.75 -15.70
C3 3PE J . -13.15 21.77 -16.00
O31 3PE J . -14.23 21.11 -16.68
O32 3PE J . -15.16 22.87 -17.86
C31 3PE J . -14.95 21.68 -17.82
C32 3PE J . -15.42 20.75 -18.92
C33 3PE J . -14.88 19.35 -18.66
C34 3PE J . -15.33 18.34 -19.71
C35 3PE J . -14.70 16.97 -19.44
C36 3PE J . -15.19 15.91 -20.42
C37 3PE J . -14.47 14.59 -20.17
C38 3PE J . -15.05 13.47 -21.02
C39 3PE J . -14.31 12.16 -20.77
C3A 3PE J . -14.97 11.00 -21.52
C3B 3PE J . -14.12 9.72 -21.43
C3C 3PE J . -14.69 8.61 -22.32
C3D 3PE J . -13.73 7.41 -22.41
C3E 3PE J . -14.25 6.37 -23.39
C3F 3PE J . -13.36 5.14 -23.39
O21 3PE J . -11.59 20.17 -16.94
O22 3PE J . -9.46 19.41 -16.46
C21 3PE J . -10.59 19.13 -16.79
C22 3PE J . -10.97 17.68 -17.07
C23 3PE J . -9.74 16.89 -17.49
C24 3PE J . -10.11 15.45 -17.83
C25 3PE J . -8.87 14.61 -18.11
C26 3PE J . -9.22 13.13 -18.29
C27 3PE J . -7.97 12.25 -18.40
C28 3PE J . -7.23 12.47 -19.71
P 3PE K . 5.71 28.20 -15.04
N 3PE K . 4.85 31.38 -12.08
O11 3PE K . 5.24 27.10 -16.13
O12 3PE K . 7.01 27.73 -14.43
O13 3PE K . 4.57 28.13 -13.91
O14 3PE K . 5.65 29.55 -15.69
C11 3PE K . 4.13 29.31 -13.25
C12 3PE K . 5.31 30.14 -12.76
C1 3PE K . 4.06 26.31 -15.93
C2 3PE K . 3.48 25.93 -17.30
C3 3PE K . 2.83 27.14 -18.00
O31 3PE K . 2.64 26.87 -19.38
O32 3PE K . 0.52 26.35 -20.17
C31 3PE K . 1.62 25.93 -19.85
C32 3PE K . 1.93 24.46 -19.95
C33 3PE K . 1.10 23.81 -21.05
C34 3PE K . 1.47 22.35 -21.21
C35 3PE K . 0.60 21.63 -22.24
C36 3PE K . 1.06 20.18 -22.43
C37 3PE K . 0.11 19.41 -23.33
C38 3PE K . 0.53 17.95 -23.45
O21 3PE K . 4.53 25.40 -18.11
O22 3PE K . 6.43 24.33 -17.36
C21 3PE K . 5.21 24.27 -17.47
C22 3PE K . 4.43 23.05 -16.98
C23 3PE K . 4.79 21.80 -17.80
C24 3PE K . 3.85 20.63 -17.48
C25 3PE K . 4.08 19.36 -18.32
C26 3PE K . 5.05 18.34 -17.70
C27 3PE K . 5.64 17.30 -18.67
C28 3PE K . 4.97 15.93 -18.70
C29 3PE K . 5.76 14.97 -19.60
C2A 3PE K . 5.06 13.63 -19.77
C2B 3PE K . 5.92 12.69 -20.60
C2C 3PE K . 5.19 11.37 -20.86
C31 3PE L . 9.65 30.48 -18.28
C32 3PE L . 9.50 29.04 -17.80
C33 3PE L . 9.21 28.11 -18.98
C34 3PE L . 8.94 26.69 -18.50
C35 3PE L . 8.74 25.76 -19.69
C36 3PE L . 8.51 24.31 -19.26
C37 3PE L . 8.51 23.36 -20.45
C38 3PE L . 8.41 21.90 -20.02
C39 3PE L . 8.65 20.94 -21.20
C3A 3PE L . 8.73 19.49 -20.74
C3B 3PE L . 9.19 18.56 -21.85
C3C 3PE L . 9.46 17.14 -21.36
C3D 3PE L . 10.11 16.27 -22.43
C3E 3PE L . 10.54 14.91 -21.86
C3F 3PE L . 11.36 14.11 -22.87
C3G 3PE L . 11.83 12.80 -22.24
C3H 3PE L . 12.55 11.93 -23.27
P 3PE M . -2.86 -11.37 29.85
N 3PE M . -2.46 -11.74 34.61
O11 3PE M . -3.47 -10.03 29.20
O12 3PE M . -3.99 -12.13 30.50
O13 3PE M . -1.89 -10.82 31.01
O14 3PE M . -2.00 -12.06 28.81
C11 3PE M . -1.72 -11.54 32.24
C12 3PE M . -2.64 -10.98 33.33
C1 3PE M . -4.81 -9.62 29.47
C2 3PE M . -5.77 -10.22 28.44
C3 3PE M . -7.18 -9.73 28.76
O31 3PE M . -8.10 -10.25 27.77
O32 3PE M . -10.07 -9.68 28.86
C31 3PE M . -9.52 -10.44 28.07
C32 3PE M . -10.26 -11.58 27.40
C33 3PE M . -9.42 -12.24 26.32
C34 3PE M . -10.10 -13.47 25.74
C35 3PE M . -9.35 -14.02 24.53
C36 3PE M . -9.92 -15.36 24.06
C37 3PE M . -9.39 -15.77 22.67
C38 3PE M . -10.11 -17.01 22.10
C39 3PE M . -9.84 -17.22 20.61
C3A 3PE M . -10.74 -18.29 19.98
C3B 3PE M . -10.67 -18.30 18.45
C3C 3PE M . -11.69 -19.26 17.85
C3D 3PE M . -11.75 -19.14 16.33
O21 3PE M . -5.38 -9.77 27.12
O22 3PE M . -4.43 -11.66 26.23
C21 3PE M . -5.19 -10.73 26.04
C22 3PE M . -5.90 -10.56 24.73
C23 3PE M . -5.52 -11.67 23.76
C24 3PE M . -6.27 -11.54 22.45
C25 3PE M . -5.99 -12.71 21.52
C26 3PE M . -6.84 -12.66 20.27
C27 3PE M . -6.64 -13.89 19.41
C28 3PE M . -7.61 -13.89 18.23
C29 3PE M . -7.48 -15.17 17.40
C2A 3PE M . -8.56 -15.22 16.31
C2B 3PE M . -8.34 -16.40 15.37
C2C 3PE M . -9.30 -16.38 14.18
C2D 3PE M . -8.95 -17.42 13.13
C2E 3PE M . -9.79 -17.27 11.86
C2F 3PE M . -9.29 -18.17 10.72
C2G 3PE M . -10.05 -17.90 9.43
P 3PE N . -28.42 0.86 16.87
N 3PE N . -27.95 1.32 20.98
O11 3PE N . -27.80 -0.44 16.16
O12 3PE N . -29.86 0.98 16.46
O13 3PE N . -28.37 0.51 18.44
O14 3PE N . -27.46 2.02 16.63
C11 3PE N . -29.55 0.59 19.23
C12 3PE N . -29.18 0.53 20.71
C1 3PE N . -28.54 -1.67 16.06
C2 3PE N . -27.73 -2.65 15.22
C3 3PE N . -28.55 -3.92 14.95
O31 3PE N . -27.79 -4.85 14.17
O32 3PE N . -29.60 -5.89 13.18
C31 3PE N . -28.41 -5.93 13.42
C32 3PE N . -27.59 -7.11 12.92
C33 3PE N . -27.91 -7.40 11.46
C34 3PE N . -27.02 -8.51 10.90
C35 3PE N . -27.25 -8.72 9.40
C36 3PE N . -26.20 -9.65 8.78
C37 3PE N . -26.31 -9.72 7.26
C38 3PE N . -25.13 -10.44 6.63
C39 3PE N . -25.14 -10.34 5.10
C3A 3PE N . -23.85 -10.88 4.49
O21 3PE N . -27.39 -2.00 13.99
O22 3PE N . -25.69 -3.51 13.62
C21 3PE N . -26.49 -2.72 13.13
C22 3PE N . -26.53 -2.50 11.64
C23 3PE N . -25.54 -3.42 10.92
C24 3PE N . -25.71 -3.29 9.41
C25 3PE N . -24.75 -4.21 8.64
C26 3PE N . -25.07 -4.23 7.14
C27 3PE N . -24.02 -4.97 6.34
C28 3PE N . -24.41 -5.04 4.86
C29 3PE N . -23.29 -5.61 4.00
C2A 3PE N . -22.11 -4.63 3.90
P 3PE O . 7.44 -4.44 25.23
N 3PE O . 5.36 -5.27 28.90
O11 3PE O . 7.54 -5.88 24.51
O12 3PE O . 8.82 -4.03 25.67
O13 3PE O . 6.56 -4.76 26.54
O14 3PE O . 6.62 -3.52 24.36
C11 3PE O . 5.15 -4.70 26.50
C12 3PE O . 4.57 -5.50 27.67
C1 3PE O . 8.54 -6.13 23.51
C2 3PE O . 8.99 -7.61 23.55
C3 3PE O . 8.91 -8.19 24.96
O31 3PE O . 7.54 -8.53 25.27
O32 3PE O . 6.55 -10.45 26.09
C31 3PE O . 6.99 -9.87 25.11
C32 3PE O . 6.96 -10.53 23.75
C33 3PE O . 6.11 -11.81 23.79
C34 3PE O . 5.95 -12.41 22.38
C35 3PE O . 4.95 -13.56 22.37
C36 3PE O . 4.64 -14.04 20.95
C37 3PE O . 3.50 -15.05 20.93
C38 3PE O . 3.15 -15.44 19.50
C39 3PE O . 2.10 -16.55 19.49
C3A 3PE O . 1.66 -16.86 18.07
O21 3PE O . 8.29 -8.47 22.66
O22 3PE O . 9.10 -7.42 20.80
C21 3PE O . 8.12 -7.91 21.34
C22 3PE O . 6.79 -7.95 20.63
C23 3PE O . 6.88 -8.79 19.35
C24 3PE O . 7.98 -9.84 19.45
C25 3PE O . 7.98 -10.76 18.23
C26 3PE O . 9.19 -11.69 18.23
C27 3PE O . 9.13 -12.68 17.08
C28 3PE O . 10.42 -13.49 16.97
C29 3PE O . 10.38 -14.41 15.76
C2A 3PE O . 8.94 -14.75 15.36
C2B 3PE O . 8.91 -15.80 14.25
C2C 3PE O . 7.47 -16.17 13.92
P 3PE P . -6.25 30.30 -17.59
N 3PE P . -10.07 29.70 -15.45
O11 3PE P . -6.24 28.69 -17.59
O12 3PE P . -5.10 30.77 -16.72
O13 3PE P . -7.63 30.66 -16.84
O14 3PE P . -6.34 30.78 -19.01
C11 3PE P . -7.73 30.55 -15.42
C12 3PE P . -9.16 30.77 -14.94
C1 3PE P . -6.66 27.98 -18.76
C2 3PE P . -7.15 26.58 -18.38
C3 3PE P . -7.45 25.78 -19.64
O31 3PE P . -7.78 24.43 -19.27
O32 3PE P . -7.72 23.64 -21.44
C31 3PE P . -7.75 23.35 -20.25
C32 3PE P . -7.80 21.90 -19.83
C33 3PE P . -6.93 21.07 -20.77
C34 3PE P . -6.91 19.59 -20.37
C35 3PE P . -5.90 18.80 -21.19
C36 3PE P . -5.75 17.36 -20.67
C37 3PE P . -4.60 16.63 -21.37
C38 3PE P . -4.54 15.18 -20.90
C39 3PE P . -3.47 14.41 -21.67
O21 3PE P . -6.13 25.86 -17.66
O22 3PE P . -6.43 27.02 -15.67
C21 3PE P . -6.07 25.97 -16.20
C22 3PE P . -5.58 24.76 -15.43
C23 3PE P . -5.80 23.49 -16.24
C24 3PE P . -5.16 22.28 -15.57
C25 3PE P . -5.30 21.01 -16.41
C26 3PE P . -4.46 19.86 -15.87
C27 3PE P . -4.82 18.50 -16.48
C28 3PE P . -4.17 17.30 -15.76
C29 3PE P . -4.80 15.95 -16.13
C2A 3PE P . -4.42 14.82 -15.16
C2B 3PE P . -5.23 13.53 -15.36
C2C 3PE P . -5.07 12.54 -14.20
C2D 3PE P . -5.57 11.14 -14.54
C2E 3PE P . -7.05 11.11 -14.87
C2F 3PE P . -7.50 9.70 -15.21
C31 3PE Q . 14.19 -0.78 -10.63
C32 3PE Q . 12.71 -0.45 -10.62
C33 3PE Q . 12.12 -0.62 -9.23
C34 3PE Q . 10.62 -0.36 -9.22
C35 3PE Q . 10.00 -0.69 -7.86
C36 3PE Q . 8.47 -0.59 -7.89
C37 3PE Q . 7.85 -1.09 -6.59
C38 3PE Q . 6.32 -1.08 -6.68
C39 3PE Q . 5.69 -1.71 -5.45
C3A 3PE Q . 4.17 -1.73 -5.58
C3B 3PE Q . 3.53 -2.47 -4.42
C3C 3PE Q . 2.02 -2.59 -4.60
C3D 3PE Q . 1.40 -3.37 -3.45
C3E 3PE Q . -0.11 -3.42 -3.55
C3F 3PE Q . -0.74 -4.09 -2.33
C3G 3PE Q . -2.26 -4.02 -2.37
C3H 3PE Q . -2.87 -4.59 -1.11
C31 3PE R . 9.35 -28.57 3.39
C32 3PE R . 9.94 -27.47 4.26
C33 3PE R . 8.88 -26.81 5.14
C34 3PE R . 9.43 -25.59 5.89
C35 3PE R . 8.33 -24.81 6.60
C36 3PE R . 8.83 -23.46 7.15
C37 3PE R . 7.67 -22.56 7.64
C38 3PE R . 8.14 -21.12 7.92
C39 3PE R . 6.96 -20.19 8.20
C3A 3PE R . 7.41 -18.73 8.27
C3B 3PE R . 6.28 -17.79 8.68
C3C 3PE R . 6.73 -16.33 8.69
C3D 3PE R . 5.70 -15.40 9.34
C3E 3PE R . 6.24 -13.97 9.55
C3F 3PE R . 5.33 -13.13 10.43
C3G 3PE R . 5.96 -11.78 10.79
C3H 3PE R . 5.16 -11.04 11.84
C32 3PE S . 4.71 -18.12 4.09
C33 3PE S . 3.93 -17.03 4.83
C34 3PE S . 4.03 -15.70 4.10
C35 3PE S . 3.35 -14.58 4.88
C36 3PE S . 3.44 -13.28 4.11
C37 3PE S . 2.81 -12.12 4.89
C38 3PE S . 2.88 -10.84 4.05
C39 3PE S . 2.24 -9.66 4.77
C3A 3PE S . 2.28 -8.43 3.89
C3B 3PE S . 1.62 -8.69 2.54
C3C 3PE S . 1.81 -7.51 1.59
C3D 3PE S . 1.26 -7.82 0.20
C3E 3PE S . 1.61 -6.71 -0.79
C3F 3PE S . 1.01 -7.02 -2.17
C31 3PE T . -26.24 4.20 15.47
C32 3PE T . -25.31 4.35 14.27
C33 3PE T . -25.57 3.24 13.24
C34 3PE T . -24.55 3.29 12.10
C35 3PE T . -24.71 2.12 11.15
C36 3PE T . -23.61 2.12 10.10
C37 3PE T . -23.70 0.91 9.19
C38 3PE T . -22.52 0.85 8.23
C39 3PE T . -22.58 -0.39 7.33
C3A 3PE T . -21.30 -0.56 6.50
C3B 3PE T . -21.28 -1.89 5.75
C3C 3PE T . -19.91 -2.17 5.12
C3D 3PE T . -19.85 -3.58 4.54
C3E 3PE T . -18.44 -3.93 4.07
C3F 3PE T . -18.37 -5.36 3.57
C3G 3PE T . -16.97 -5.72 3.13
C31 3PE U . -22.32 -15.42 -7.48
C32 3PE U . -20.81 -15.26 -7.63
C33 3PE U . -20.39 -13.81 -7.36
C34 3PE U . -18.88 -13.68 -7.41
C35 3PE U . -18.43 -12.25 -7.13
C36 3PE U . -16.91 -12.17 -7.13
C37 3PE U . -16.41 -10.75 -6.85
C38 3PE U . -14.89 -10.71 -6.79
C39 3PE U . -14.38 -9.32 -6.43
C3A 3PE U . -12.86 -9.32 -6.22
C3B 3PE U . -12.38 -7.98 -5.71
C3C 3PE U . -10.88 -7.99 -5.37
C3D 3PE U . -10.45 -6.68 -4.74
C3E 3PE U . -8.99 -6.70 -4.30
C3F 3PE U . -8.63 -5.40 -3.58
C3G 3PE U . -7.17 -5.39 -3.16
C3H 3PE U . -6.83 -4.11 -2.42
CAA Y01 V . 16.88 0.36 -8.29
CBA Y01 V . 15.77 0.82 -9.28
CAB Y01 V . 16.36 1.82 -10.27
CAN Y01 V . 14.63 1.50 -8.48
CAJ Y01 V . 15.21 2.20 -7.21
CAO Y01 V . 16.34 3.19 -7.64
CBB Y01 V . 16.63 4.23 -6.48
CAC Y01 V . 15.40 4.31 -5.53
CBE Y01 V . 17.77 3.81 -5.75
CAP Y01 V . 18.91 3.41 -6.74
CAQ Y01 V . 20.37 3.79 -5.90
CBG Y01 V . 19.90 4.73 -4.64
CBI Y01 V . 18.40 5.07 -4.89
CAE Y01 V . 18.42 6.25 -5.85
CAU Y01 V . 17.78 5.57 -3.72
CAS Y01 V . 18.56 6.94 -3.22
CBF Y01 V . 20.06 6.70 -3.04
CBD Y01 V . 20.68 5.98 -4.23
CAK Y01 V . 22.23 5.58 -3.93
CAI Y01 V . 23.07 6.77 -3.50
CAZ Y01 V . 22.31 7.97 -2.57
CAV Y01 V . 23.01 9.34 -2.46
CBH Y01 V . 20.85 8.14 -2.77
CAD Y01 V . 20.66 9.01 -4.02
CAT Y01 V . 20.24 8.91 -1.58
CAR Y01 V . 20.86 10.31 -1.49
CBC Y01 V . 22.36 10.30 -1.47
OAW Y01 V . 22.83 11.61 -1.83
CAY Y01 V . 22.84 12.55 -0.77
OAG Y01 V . 21.97 12.52 0.04
CAM Y01 V . 23.94 13.61 -0.67
CAL Y01 V . 23.59 14.64 0.41
CAX Y01 V . 22.68 15.72 -0.20
OAH Y01 V . 22.21 15.57 -1.36
OAF Y01 V . 22.41 16.77 0.45
CAA Y01 W . 23.20 4.24 -10.64
CBA Y01 W . 23.05 5.30 -9.53
CAB Y01 W . 21.57 5.64 -9.32
CAN Y01 W . 23.84 6.58 -9.92
CAJ Y01 W . 23.69 7.67 -8.80
CAO Y01 W . 24.57 8.91 -9.14
CBB Y01 W . 24.48 9.99 -7.96
CAC Y01 W . 24.90 9.30 -6.63
CBE Y01 W . 25.31 11.14 -8.29
CAP Y01 W . 24.89 11.82 -9.65
CAQ Y01 W . 25.59 13.39 -9.52
CBG Y01 W . 25.94 13.55 -7.92
CBI Y01 W . 25.15 12.38 -7.21
CAE Y01 W . 23.64 12.81 -7.29
CAU Y01 W . 25.56 12.21 -5.83
CAS Y01 W . 25.40 13.65 -5.02
CBF Y01 W . 26.15 14.79 -5.70
CBD Y01 W . 25.78 14.89 -7.19
CAK Y01 W . 26.66 16.03 -7.96
CAI Y01 W . 26.55 17.38 -7.28
CAZ Y01 W . 26.50 17.39 -5.60
CAV Y01 W . 26.22 18.70 -4.85
CBH Y01 W . 25.87 16.23 -4.91
CAD Y01 W . 24.32 16.41 -4.88
CAT Y01 W . 26.40 16.14 -3.45
CAR Y01 W . 26.12 17.44 -2.69
CBC Y01 W . 26.71 18.65 -3.39
OAW Y01 W . 26.44 19.91 -2.69
CAY Y01 W . 26.81 20.00 -1.32
OAG Y01 W . 26.23 19.37 -0.49
CAM Y01 W . 27.98 20.93 -0.91
CAL Y01 W . 28.11 21.00 0.63
CAX Y01 W . 28.50 19.63 1.21
OAH Y01 W . 28.68 19.47 2.45
OAF Y01 W . 28.64 18.64 0.44
#